data_2R6A
#
_entry.id   2R6A
#
_cell.length_a   226.751
_cell.length_b   226.751
_cell.length_c   75.902
_cell.angle_alpha   90.00
_cell.angle_beta   90.00
_cell.angle_gamma   120.00
#
_symmetry.space_group_name_H-M   'P 3 2 1'
#
loop_
_entity.id
_entity.type
_entity.pdbx_description
1 polymer 'Replicative helicase'
2 polymer 'DnaG Primase, Helicase Binding Domain'
3 non-polymer 'SULFATE ION'
4 water water
#
loop_
_entity_poly.entity_id
_entity_poly.type
_entity_poly.pdbx_seq_one_letter_code
_entity_poly.pdbx_strand_id
1 'polypeptide(L)'
;MSELFSERIPPQSIEAEQAVLGAVFLDPAALVPASEILIPEDFYRAAHQKIFHAMLRVADRGEPVDLVTVTAELAASEQL
EEIGGVSYLSELADAVPTAANVEYYARIVEEKSVLRRLIRTATSIAQDGYTREDEIDVLLDEADRKIMEVSQRKHSGAFK
NIKDILVQTYDNIEMLHNRDGEITGIPTGFTELDRMTSGFQRSDLIIVAARPSVGKTAFALNIAQNVATKTNENVAIFSL
EMSAQQLVMRMLCAEGNINAQNLRTGKLTPEDWGKLTMAMGSLSNAGIYIDDTPSIRVSDIRAKCRRLKQESGLGMIVID
YLQLIQGSGRSKENRQQEVSEISRSLKALARELEVPVIALSQLSRSVEQRQDKRPMMSDIRESGSIEQDADIVAFLYRDD
YYNKDSENKNIIEIIIAKQRNGPVGTVQLAFIKEYNKFVNLERRFDEAQIPPGA
;
A,B
2 'polypeptide(L)'
;KLLPAFQNAERLLLAH(MSE)(MSE)RSRDVALVVQERIGGRFNIEEHRALAAYIYAFYEEGHEADPGALISRIPGELQP
LASELSLLLIADDVSEQELEDYIRHVLNRPKWL(MSE)LKVKEQEKTEAERRKDFLTAARIAKE(MSE)IE(MSE)KK
(MSE)LSSS
;
C
#
loop_
_chem_comp.id
_chem_comp.type
_chem_comp.name
_chem_comp.formula
SO4 non-polymer 'SULFATE ION' 'O4 S -2'
#
# COMPACT_ATOMS: atom_id res chain seq x y z
N ARG A 8 32.74 0.12 -28.44
CA ARG A 8 32.63 -0.68 -27.17
C ARG A 8 31.75 0.05 -26.14
N ILE A 9 31.54 -0.53 -24.94
CA ILE A 9 32.13 -1.81 -24.53
C ILE A 9 31.13 -2.98 -24.65
N PRO A 10 31.62 -4.18 -24.97
CA PRO A 10 30.68 -5.29 -25.21
C PRO A 10 29.81 -5.58 -23.97
N PRO A 11 28.49 -5.74 -24.18
CA PRO A 11 27.57 -6.10 -23.10
C PRO A 11 28.15 -7.22 -22.26
N GLN A 12 28.23 -6.98 -20.96
CA GLN A 12 28.82 -7.95 -20.05
C GLN A 12 28.35 -7.68 -18.65
N SER A 13 28.57 -8.66 -17.77
CA SER A 13 28.25 -8.54 -16.38
C SER A 13 29.25 -9.42 -15.64
N ILE A 14 30.41 -8.83 -15.34
CA ILE A 14 31.46 -9.53 -14.63
C ILE A 14 30.91 -9.92 -13.27
N GLU A 15 30.15 -9.00 -12.68
CA GLU A 15 29.54 -9.23 -11.37
C GLU A 15 28.67 -10.49 -11.37
N ALA A 16 27.83 -10.65 -12.40
CA ALA A 16 26.95 -11.80 -12.50
C ALA A 16 27.74 -13.08 -12.82
N GLU A 17 28.76 -12.95 -13.68
CA GLU A 17 29.62 -14.07 -13.99
C GLU A 17 30.28 -14.54 -12.70
N GLN A 18 30.79 -13.60 -11.94
CA GLN A 18 31.43 -13.94 -10.68
C GLN A 18 30.49 -14.62 -9.70
N ALA A 19 29.24 -14.16 -9.65
CA ALA A 19 28.27 -14.77 -8.75
C ALA A 19 27.88 -16.20 -9.17
N VAL A 20 27.84 -16.48 -10.48
CA VAL A 20 27.52 -17.84 -10.98
C VAL A 20 28.56 -18.84 -10.53
N LEU A 21 29.83 -18.54 -10.82
CA LEU A 21 30.93 -19.42 -10.45
C LEU A 21 31.01 -19.51 -8.94
N GLY A 22 30.88 -18.37 -8.26
CA GLY A 22 30.86 -18.37 -6.80
C GLY A 22 29.79 -19.31 -6.23
N ALA A 23 28.57 -19.22 -6.75
CA ALA A 23 27.48 -20.05 -6.30
C ALA A 23 27.86 -21.54 -6.31
N VAL A 24 28.44 -21.98 -7.42
CA VAL A 24 28.85 -23.38 -7.56
C VAL A 24 29.82 -23.78 -6.44
N PHE A 25 30.75 -22.88 -6.11
CA PHE A 25 31.68 -23.13 -5.00
C PHE A 25 31.01 -23.15 -3.61
N LEU A 26 29.87 -22.49 -3.46
CA LEU A 26 29.12 -22.49 -2.18
C LEU A 26 28.14 -23.66 -2.08
N ASP A 27 27.49 -23.97 -3.21
CA ASP A 27 26.57 -25.11 -3.29
C ASP A 27 26.77 -25.80 -4.65
N PRO A 28 27.31 -27.04 -4.63
CA PRO A 28 27.58 -27.75 -5.87
C PRO A 28 26.33 -27.93 -6.74
N ALA A 29 25.16 -27.98 -6.11
CA ALA A 29 23.89 -28.08 -6.81
C ALA A 29 23.65 -26.89 -7.74
N ALA A 30 24.32 -25.77 -7.51
CA ALA A 30 24.12 -24.58 -8.34
C ALA A 30 24.60 -24.77 -9.78
N LEU A 31 25.46 -25.77 -10.01
CA LEU A 31 26.00 -26.01 -11.34
C LEU A 31 24.96 -26.53 -12.32
N VAL A 32 24.03 -27.34 -11.83
CA VAL A 32 22.94 -27.87 -12.68
C VAL A 32 22.16 -26.73 -13.35
N PRO A 33 21.55 -25.82 -12.54
CA PRO A 33 20.84 -24.69 -13.19
C PRO A 33 21.76 -23.86 -14.08
N ALA A 34 23.03 -23.71 -13.70
CA ALA A 34 23.92 -22.84 -14.47
C ALA A 34 24.28 -23.48 -15.81
N SER A 35 24.61 -24.77 -15.80
CA SER A 35 24.94 -25.47 -17.05
C SER A 35 23.74 -25.54 -17.99
N GLU A 36 22.53 -25.60 -17.44
CA GLU A 36 21.34 -25.61 -18.27
C GLU A 36 21.22 -24.33 -19.07
N ILE A 37 21.48 -23.20 -18.42
CA ILE A 37 21.37 -21.88 -19.04
C ILE A 37 22.63 -21.42 -19.82
N LEU A 38 23.81 -21.87 -19.43
CA LEU A 38 25.06 -21.36 -20.01
C LEU A 38 26.05 -22.43 -20.47
N ILE A 39 26.80 -22.11 -21.52
CA ILE A 39 27.97 -22.87 -21.91
C ILE A 39 29.17 -21.96 -21.61
N PRO A 40 30.39 -22.54 -21.47
CA PRO A 40 31.55 -21.71 -21.13
C PRO A 40 31.75 -20.45 -21.94
N GLU A 41 31.47 -20.52 -23.25
CA GLU A 41 31.67 -19.37 -24.17
C GLU A 41 30.76 -18.18 -23.93
N ASP A 42 29.76 -18.33 -23.08
CA ASP A 42 28.86 -17.22 -22.74
C ASP A 42 29.54 -16.24 -21.82
N PHE A 43 30.56 -16.71 -21.12
CA PHE A 43 31.35 -15.87 -20.22
C PHE A 43 32.23 -14.96 -21.05
N TYR A 44 32.20 -13.67 -20.76
CA TYR A 44 32.96 -12.72 -21.56
C TYR A 44 34.45 -12.79 -21.24
N ARG A 45 34.75 -13.09 -19.99
CA ARG A 45 36.10 -13.14 -19.48
C ARG A 45 36.68 -14.52 -19.68
N ALA A 46 37.83 -14.59 -20.35
CA ALA A 46 38.47 -15.88 -20.60
C ALA A 46 38.64 -16.77 -19.36
N ALA A 47 39.05 -16.19 -18.23
CA ALA A 47 39.27 -16.95 -17.01
C ALA A 47 38.00 -17.65 -16.60
N HIS A 48 36.88 -16.95 -16.75
CA HIS A 48 35.59 -17.53 -16.38
C HIS A 48 35.19 -18.69 -17.31
N GLN A 49 35.55 -18.60 -18.57
CA GLN A 49 35.30 -19.69 -19.51
C GLN A 49 36.09 -20.89 -19.04
N LYS A 50 37.40 -20.72 -18.89
CA LYS A 50 38.26 -21.79 -18.44
C LYS A 50 37.75 -22.44 -17.15
N ILE A 51 37.28 -21.61 -16.22
CA ILE A 51 36.76 -22.09 -14.96
C ILE A 51 35.45 -22.88 -15.14
N PHE A 52 34.50 -22.33 -15.90
CA PHE A 52 33.25 -23.04 -16.12
C PHE A 52 33.51 -24.39 -16.81
N HIS A 53 34.39 -24.37 -17.80
CA HIS A 53 34.78 -25.60 -18.49
C HIS A 53 35.37 -26.66 -17.52
N ALA A 54 36.18 -26.22 -16.55
CA ALA A 54 36.78 -27.14 -15.58
C ALA A 54 35.70 -27.79 -14.71
N MET A 55 34.74 -26.97 -14.28
CA MET A 55 33.59 -27.44 -13.50
C MET A 55 32.83 -28.52 -14.26
N LEU A 56 32.36 -28.17 -15.45
CA LEU A 56 31.67 -29.12 -16.32
C LEU A 56 32.43 -30.45 -16.52
N ARG A 57 33.75 -30.38 -16.73
CA ARG A 57 34.54 -31.59 -16.91
C ARG A 57 34.49 -32.45 -15.65
N VAL A 58 34.76 -31.83 -14.50
CA VAL A 58 34.70 -32.54 -13.22
C VAL A 58 33.31 -33.18 -13.06
N ALA A 59 32.27 -32.40 -13.34
CA ALA A 59 30.90 -32.89 -13.23
C ALA A 59 30.60 -34.10 -14.12
N ASP A 60 31.14 -34.10 -15.34
CA ASP A 60 30.85 -35.18 -16.29
C ASP A 60 31.49 -36.48 -15.88
N ARG A 61 32.48 -36.39 -15.00
CA ARG A 61 33.13 -37.57 -14.48
C ARG A 61 32.40 -38.12 -13.27
N GLY A 62 31.37 -37.40 -12.82
CA GLY A 62 30.56 -37.81 -11.67
C GLY A 62 31.32 -37.56 -10.38
N GLU A 63 32.24 -36.60 -10.44
CA GLU A 63 33.10 -36.26 -9.31
C GLU A 63 32.58 -34.98 -8.70
N PRO A 64 32.75 -34.79 -7.37
CA PRO A 64 32.18 -33.62 -6.75
C PRO A 64 32.89 -32.34 -7.19
N VAL A 65 32.11 -31.33 -7.56
CA VAL A 65 32.60 -30.04 -7.97
C VAL A 65 32.71 -29.10 -6.77
N ASP A 66 33.93 -28.81 -6.34
CA ASP A 66 34.15 -27.81 -5.28
C ASP A 66 35.50 -27.13 -5.54
N LEU A 67 35.92 -26.27 -4.62
CA LEU A 67 37.14 -25.51 -4.79
C LEU A 67 38.36 -26.39 -5.05
N VAL A 68 38.41 -27.54 -4.38
CA VAL A 68 39.56 -28.42 -4.51
C VAL A 68 39.64 -29.12 -5.87
N THR A 69 38.53 -29.70 -6.33
CA THR A 69 38.57 -30.45 -7.61
C THR A 69 38.66 -29.50 -8.80
N VAL A 70 38.06 -28.31 -8.70
CA VAL A 70 38.25 -27.33 -9.77
C VAL A 70 39.72 -26.85 -9.79
N THR A 71 40.30 -26.60 -8.61
CA THR A 71 41.72 -26.26 -8.54
C THR A 71 42.62 -27.31 -9.20
N ALA A 72 42.36 -28.58 -8.89
CA ALA A 72 43.10 -29.71 -9.43
C ALA A 72 42.96 -29.78 -10.94
N GLU A 73 41.72 -29.66 -11.39
CA GLU A 73 41.40 -29.72 -12.81
C GLU A 73 42.17 -28.66 -13.61
N LEU A 74 42.13 -27.43 -13.12
CA LEU A 74 42.80 -26.33 -13.76
C LEU A 74 44.33 -26.47 -13.68
N ALA A 75 44.85 -27.04 -12.59
CA ALA A 75 46.28 -27.24 -12.48
C ALA A 75 46.75 -28.24 -13.54
N ALA A 76 45.97 -29.31 -13.71
CA ALA A 76 46.30 -30.35 -14.70
C ALA A 76 46.20 -29.86 -16.15
N SER A 77 45.31 -28.90 -16.41
CA SER A 77 45.21 -28.32 -17.75
C SER A 77 46.05 -27.06 -17.90
N GLU A 78 46.91 -26.84 -16.90
CA GLU A 78 47.86 -25.72 -16.88
C GLU A 78 47.17 -24.38 -17.00
N GLN A 79 46.06 -24.21 -16.28
CA GLN A 79 45.28 -22.98 -16.38
C GLN A 79 45.06 -22.21 -15.07
N LEU A 80 45.44 -22.83 -13.94
CA LEU A 80 45.37 -22.18 -12.62
C LEU A 80 45.90 -20.74 -12.52
N GLU A 81 47.18 -20.51 -12.82
CA GLU A 81 47.77 -19.19 -12.68
C GLU A 81 47.11 -18.20 -13.61
N GLU A 82 46.84 -18.70 -14.81
CA GLU A 82 46.22 -17.97 -15.91
C GLU A 82 44.84 -17.42 -15.53
N ILE A 83 44.12 -18.15 -14.68
CA ILE A 83 42.81 -17.70 -14.22
C ILE A 83 42.89 -17.01 -12.86
N GLY A 84 44.11 -16.79 -12.35
CA GLY A 84 44.30 -16.13 -11.05
C GLY A 84 44.53 -16.99 -9.81
N GLY A 85 44.69 -18.31 -9.98
CA GLY A 85 45.05 -19.19 -8.88
C GLY A 85 43.92 -19.55 -7.94
N VAL A 86 44.26 -20.25 -6.84
CA VAL A 86 43.27 -20.63 -5.84
C VAL A 86 42.66 -19.39 -5.25
N SER A 87 43.49 -18.35 -5.06
CA SER A 87 43.09 -17.09 -4.45
C SER A 87 41.95 -16.53 -5.20
N TYR A 88 41.97 -16.79 -6.56
CA TYR A 88 40.95 -16.22 -7.37
C TYR A 88 39.62 -17.01 -7.19
N LEU A 89 39.71 -18.33 -7.09
CA LEU A 89 38.54 -19.15 -6.87
C LEU A 89 37.87 -18.68 -5.55
N SER A 90 38.68 -18.32 -4.55
CA SER A 90 38.20 -17.72 -3.28
C SER A 90 37.37 -16.48 -3.51
N GLU A 91 37.88 -15.56 -4.32
CA GLU A 91 37.17 -14.31 -4.54
C GLU A 91 35.80 -14.54 -5.16
N LEU A 92 35.69 -15.55 -6.03
CA LEU A 92 34.44 -15.81 -6.71
C LEU A 92 33.44 -16.24 -5.65
N ALA A 93 33.88 -17.14 -4.77
CA ALA A 93 33.10 -17.56 -3.61
C ALA A 93 32.61 -16.37 -2.74
N ASP A 94 33.31 -15.24 -2.73
CA ASP A 94 32.87 -14.10 -1.92
C ASP A 94 32.04 -13.12 -2.73
N ALA A 95 31.84 -13.42 -4.01
CA ALA A 95 31.22 -12.50 -4.95
C ALA A 95 29.76 -12.83 -5.21
N VAL A 96 29.22 -13.81 -4.49
CA VAL A 96 27.85 -14.25 -4.69
C VAL A 96 26.92 -13.82 -3.55
N PRO A 97 25.97 -12.93 -3.81
CA PRO A 97 25.11 -12.53 -2.70
C PRO A 97 24.32 -13.71 -2.14
N THR A 98 23.74 -14.56 -2.99
CA THR A 98 23.05 -15.76 -2.49
C THR A 98 23.05 -16.92 -3.53
N ALA A 99 23.60 -18.06 -3.15
CA ALA A 99 23.74 -19.16 -4.06
C ALA A 99 22.41 -19.58 -4.69
N ALA A 100 21.31 -19.49 -3.95
CA ALA A 100 20.00 -19.85 -4.49
C ALA A 100 19.55 -18.95 -5.67
N ASN A 101 20.13 -17.76 -5.79
CA ASN A 101 19.77 -16.88 -6.90
C ASN A 101 20.55 -17.11 -8.20
N VAL A 102 21.28 -18.23 -8.27
CA VAL A 102 22.13 -18.58 -9.41
C VAL A 102 21.46 -18.54 -10.80
N GLU A 103 20.19 -18.94 -10.90
CA GLU A 103 19.48 -18.86 -12.18
C GLU A 103 19.39 -17.43 -12.69
N TYR A 104 19.11 -16.51 -11.78
CA TYR A 104 18.98 -15.11 -12.15
C TYR A 104 20.32 -14.52 -12.59
N TYR A 105 21.38 -14.88 -11.88
CA TYR A 105 22.71 -14.46 -12.29
C TYR A 105 23.05 -15.04 -13.64
N ALA A 106 22.77 -16.33 -13.80
CA ALA A 106 22.98 -17.07 -15.04
C ALA A 106 22.25 -16.37 -16.19
N ARG A 107 20.97 -16.02 -15.99
CA ARG A 107 20.21 -15.41 -17.05
C ARG A 107 20.83 -14.11 -17.51
N ILE A 108 21.35 -13.34 -16.55
CA ILE A 108 22.02 -12.06 -16.86
C ILE A 108 23.25 -12.30 -17.74
N VAL A 109 24.05 -13.30 -17.39
CA VAL A 109 25.20 -13.67 -18.20
C VAL A 109 24.73 -14.04 -19.60
N GLU A 110 23.72 -14.93 -19.67
CA GLU A 110 23.20 -15.40 -20.96
C GLU A 110 22.73 -14.23 -21.81
N GLU A 111 21.93 -13.34 -21.21
CA GLU A 111 21.42 -12.16 -21.89
C GLU A 111 22.54 -11.37 -22.53
N LYS A 112 23.61 -11.16 -21.78
CA LYS A 112 24.70 -10.35 -22.30
C LYS A 112 25.51 -11.08 -23.39
N SER A 113 25.42 -12.40 -23.40
CA SER A 113 26.06 -13.20 -24.42
C SER A 113 25.28 -13.11 -25.73
N VAL A 114 23.96 -13.16 -25.62
CA VAL A 114 23.07 -13.10 -26.77
C VAL A 114 23.23 -11.76 -27.47
N LEU A 115 23.32 -10.70 -26.70
CA LEU A 115 23.55 -9.36 -27.23
C LEU A 115 24.86 -9.30 -27.99
N ARG A 116 25.91 -9.92 -27.45
CA ARG A 116 27.20 -9.90 -28.13
C ARG A 116 27.09 -10.60 -29.47
N ARG A 117 26.30 -11.69 -29.53
CA ARG A 117 26.09 -12.41 -30.78
C ARG A 117 25.25 -11.58 -31.76
N LEU A 118 24.30 -10.81 -31.25
CA LEU A 118 23.50 -9.94 -32.10
C LEU A 118 24.41 -8.93 -32.76
N ILE A 119 25.20 -8.24 -31.94
CA ILE A 119 26.18 -7.26 -32.39
C ILE A 119 27.16 -7.88 -33.38
N ARG A 120 27.67 -9.07 -33.07
CA ARG A 120 28.64 -9.72 -33.94
C ARG A 120 28.06 -10.03 -35.32
N THR A 121 26.86 -10.61 -35.36
CA THR A 121 26.30 -11.04 -36.64
C THR A 121 25.82 -9.85 -37.46
N ALA A 122 25.27 -8.85 -36.78
CA ALA A 122 24.83 -7.62 -37.43
C ALA A 122 26.02 -6.93 -38.11
N THR A 123 27.11 -6.76 -37.36
CA THR A 123 28.35 -6.20 -37.90
C THR A 123 28.82 -6.99 -39.12
N SER A 124 28.80 -8.31 -38.99
CA SER A 124 29.22 -9.22 -40.04
C SER A 124 28.41 -9.00 -41.31
N ILE A 125 27.10 -8.79 -41.16
CA ILE A 125 26.21 -8.52 -42.29
C ILE A 125 26.60 -7.19 -42.92
N ALA A 126 26.75 -6.16 -42.10
CA ALA A 126 27.16 -4.86 -42.61
C ALA A 126 28.46 -4.97 -43.41
N GLN A 127 29.48 -5.64 -42.87
CA GLN A 127 30.75 -5.82 -43.59
C GLN A 127 30.56 -6.51 -44.95
N ASP A 128 29.88 -7.65 -44.95
CA ASP A 128 29.58 -8.37 -46.20
C ASP A 128 28.91 -7.48 -47.26
N GLY A 129 28.12 -6.51 -46.80
CA GLY A 129 27.48 -5.54 -47.68
C GLY A 129 28.47 -4.74 -48.49
N TYR A 130 29.60 -4.35 -47.88
CA TYR A 130 30.64 -3.61 -48.58
C TYR A 130 31.51 -4.50 -49.47
N THR A 131 31.81 -5.72 -48.98
CA THR A 131 32.68 -6.65 -49.72
C THR A 131 31.94 -7.35 -50.88
N ARG A 132 31.56 -8.61 -50.68
CA ARG A 132 30.82 -9.37 -51.71
C ARG A 132 29.67 -8.53 -52.29
N GLU A 133 29.73 -8.29 -53.60
CA GLU A 133 28.84 -7.30 -54.21
C GLU A 133 28.44 -7.36 -55.73
N ASP A 134 28.49 -8.46 -56.51
CA ASP A 134 28.87 -9.87 -56.24
C ASP A 134 27.67 -10.80 -56.45
N GLU A 135 26.83 -10.94 -55.43
CA GLU A 135 25.73 -11.92 -55.44
C GLU A 135 24.37 -11.33 -55.03
N ILE A 136 24.35 -10.65 -53.89
CA ILE A 136 23.16 -10.01 -53.27
C ILE A 136 21.97 -10.91 -52.84
N ASP A 137 21.44 -11.73 -53.75
CA ASP A 137 20.30 -12.58 -53.42
C ASP A 137 20.65 -13.61 -52.36
N VAL A 138 21.86 -14.16 -52.47
CA VAL A 138 22.40 -15.07 -51.46
C VAL A 138 22.62 -14.29 -50.18
N LEU A 139 23.20 -13.09 -50.31
CA LEU A 139 23.47 -12.19 -49.17
C LEU A 139 22.25 -11.90 -48.30
N LEU A 140 21.13 -11.58 -48.94
CA LEU A 140 19.89 -11.29 -48.22
C LEU A 140 19.36 -12.52 -47.51
N ASP A 141 19.42 -13.67 -48.18
CA ASP A 141 18.98 -14.93 -47.60
C ASP A 141 19.82 -15.32 -46.38
N GLU A 142 21.15 -15.30 -46.51
CA GLU A 142 21.98 -15.61 -45.36
C GLU A 142 21.87 -14.56 -44.24
N ALA A 143 21.53 -13.32 -44.61
CA ALA A 143 21.29 -12.28 -43.61
C ALA A 143 20.01 -12.60 -42.85
N ASP A 144 19.00 -13.07 -43.57
CA ASP A 144 17.76 -13.56 -42.94
C ASP A 144 18.13 -14.68 -41.99
N ARG A 145 18.77 -15.70 -42.54
CA ARG A 145 19.18 -16.92 -41.82
C ARG A 145 19.99 -16.63 -40.55
N LYS A 146 21.03 -15.83 -40.67
CA LYS A 146 21.92 -15.53 -39.56
C LYS A 146 21.27 -14.79 -38.40
N ILE A 147 20.38 -13.84 -38.71
CA ILE A 147 19.68 -13.09 -37.67
C ILE A 147 18.74 -13.98 -36.84
N MET A 148 18.01 -14.88 -37.51
CA MET A 148 17.12 -15.81 -36.82
C MET A 148 17.88 -16.71 -35.84
N GLU A 149 19.08 -17.14 -36.24
CA GLU A 149 19.95 -18.01 -35.44
C GLU A 149 20.33 -17.44 -34.08
N VAL A 150 20.31 -16.12 -33.96
CA VAL A 150 20.67 -15.47 -32.71
C VAL A 150 19.61 -15.74 -31.64
N SER A 151 18.34 -15.67 -32.03
CA SER A 151 17.22 -15.90 -31.12
C SER A 151 17.20 -17.34 -30.62
N GLN A 152 17.25 -18.29 -31.55
CA GLN A 152 17.29 -19.72 -31.21
C GLN A 152 18.64 -20.06 -30.65
N ARG A 153 18.83 -19.71 -29.38
CA ARG A 153 20.10 -19.90 -28.71
C ARG A 153 19.81 -19.90 -27.22
N LYS A 154 18.99 -18.93 -26.80
CA LYS A 154 18.54 -18.82 -25.42
C LYS A 154 17.92 -20.12 -24.92
N HIS A 155 18.13 -20.44 -23.64
CA HIS A 155 17.58 -21.65 -23.05
C HIS A 155 16.07 -21.52 -22.85
N SER A 156 15.32 -22.21 -23.70
CA SER A 156 13.86 -22.23 -23.62
C SER A 156 13.38 -23.56 -23.05
N GLY A 157 12.07 -23.77 -23.11
CA GLY A 157 11.44 -25.03 -22.71
C GLY A 157 11.44 -25.33 -21.22
N ALA A 158 11.04 -26.54 -20.85
CA ALA A 158 10.58 -27.54 -21.82
C ALA A 158 9.05 -27.62 -21.81
N PHE A 159 8.50 -28.39 -22.76
CA PHE A 159 7.07 -28.70 -22.75
C PHE A 159 6.81 -29.65 -21.61
N LYS A 160 5.76 -29.41 -20.83
CA LYS A 160 5.35 -30.41 -19.84
C LYS A 160 4.57 -31.50 -20.57
N ASN A 161 4.98 -32.75 -20.35
CA ASN A 161 4.34 -33.91 -20.97
C ASN A 161 3.00 -34.27 -20.32
N ILE A 162 2.04 -34.69 -21.14
CA ILE A 162 0.71 -35.06 -20.66
C ILE A 162 0.69 -36.15 -19.57
N LYS A 163 1.58 -37.14 -19.68
CA LYS A 163 1.69 -38.19 -18.66
C LYS A 163 1.89 -37.57 -17.27
N ASP A 164 2.82 -36.63 -17.18
CA ASP A 164 3.18 -35.97 -15.92
C ASP A 164 2.05 -35.14 -15.35
N ILE A 165 1.27 -34.50 -16.21
CA ILE A 165 0.14 -33.71 -15.77
C ILE A 165 -0.99 -34.62 -15.32
N LEU A 166 -1.20 -35.72 -16.03
CA LEU A 166 -2.20 -36.73 -15.67
C LEU A 166 -1.99 -37.20 -14.24
N VAL A 167 -0.73 -37.37 -13.87
CA VAL A 167 -0.32 -37.76 -12.51
C VAL A 167 -0.77 -36.69 -11.52
N GLN A 168 -0.40 -35.43 -11.78
CA GLN A 168 -0.81 -34.31 -10.94
C GLN A 168 -2.33 -34.20 -10.88
N THR A 169 -2.98 -34.42 -12.02
CA THR A 169 -4.45 -34.39 -12.15
C THR A 169 -5.09 -35.47 -11.28
N TYR A 170 -4.55 -36.68 -11.37
CA TYR A 170 -5.08 -37.81 -10.61
C TYR A 170 -4.84 -37.61 -9.12
N ASP A 171 -3.65 -37.12 -8.75
CA ASP A 171 -3.30 -36.86 -7.36
C ASP A 171 -4.16 -35.77 -6.75
N ASN A 172 -4.68 -34.88 -7.61
CA ASN A 172 -5.61 -33.86 -7.18
C ASN A 172 -6.93 -34.52 -6.82
N ILE A 173 -7.43 -35.35 -7.73
CA ILE A 173 -8.67 -36.11 -7.52
C ILE A 173 -8.56 -36.96 -6.24
N GLU A 174 -7.34 -37.44 -5.95
CA GLU A 174 -7.09 -38.17 -4.72
C GLU A 174 -7.38 -37.29 -3.51
N MET A 175 -6.78 -36.10 -3.48
CA MET A 175 -6.94 -35.13 -2.39
C MET A 175 -8.39 -34.66 -2.18
N LEU A 176 -9.12 -34.48 -3.28
CA LEU A 176 -10.52 -34.06 -3.23
C LEU A 176 -11.47 -35.10 -2.60
N HIS A 177 -11.07 -36.38 -2.65
CA HIS A 177 -11.84 -37.49 -2.06
C HIS A 177 -11.24 -37.95 -0.74
N ASN A 178 -9.91 -37.87 -0.66
CA ASN A 178 -9.14 -38.17 0.54
C ASN A 178 -9.42 -37.08 1.59
N ARG A 179 -10.43 -36.25 1.30
CA ARG A 179 -10.72 -35.08 2.12
C ARG A 179 -11.36 -35.42 3.47
N ASP A 180 -10.50 -35.50 4.47
CA ASP A 180 -10.87 -35.77 5.87
C ASP A 180 -9.78 -35.19 6.77
N GLY A 181 -10.16 -34.29 7.68
CA GLY A 181 -11.53 -33.84 7.88
C GLY A 181 -11.46 -32.80 8.99
N GLU A 182 -10.28 -32.76 9.61
CA GLU A 182 -9.95 -31.82 10.68
C GLU A 182 -9.76 -30.40 10.12
N ILE A 183 -10.21 -29.41 10.88
CA ILE A 183 -10.06 -28.01 10.51
C ILE A 183 -8.83 -27.44 11.22
N THR A 184 -7.67 -27.51 10.54
CA THR A 184 -6.40 -27.05 11.09
C THR A 184 -6.24 -25.53 11.19
N GLY A 185 -6.97 -24.80 10.34
CA GLY A 185 -6.94 -23.33 10.35
C GLY A 185 -8.19 -22.72 10.96
N ILE A 186 -8.60 -21.57 10.42
CA ILE A 186 -9.80 -20.86 10.89
C ILE A 186 -11.03 -21.37 10.12
N PRO A 187 -11.97 -22.02 10.83
CA PRO A 187 -13.22 -22.50 10.22
C PRO A 187 -14.00 -21.36 9.55
N THR A 188 -14.56 -21.65 8.38
CA THR A 188 -15.24 -20.67 7.55
C THR A 188 -16.74 -20.59 7.83
N GLY A 189 -17.31 -21.70 8.28
CA GLY A 189 -18.75 -21.81 8.53
C GLY A 189 -19.41 -22.48 7.34
N PHE A 190 -18.65 -22.62 6.26
CA PHE A 190 -19.11 -23.31 5.07
C PHE A 190 -18.41 -24.66 4.97
N THR A 191 -18.96 -25.65 5.67
CA THR A 191 -18.32 -26.96 5.83
C THR A 191 -17.66 -27.52 4.56
N GLU A 192 -18.23 -27.23 3.40
CA GLU A 192 -17.70 -27.78 2.16
C GLU A 192 -16.42 -27.06 1.71
N LEU A 193 -16.32 -25.77 2.04
CA LEU A 193 -15.11 -24.99 1.77
C LEU A 193 -14.02 -25.37 2.79
N ASP A 194 -14.45 -25.76 3.99
CA ASP A 194 -13.54 -26.18 5.05
C ASP A 194 -12.88 -27.52 4.76
N ARG A 195 -13.58 -28.40 4.06
CA ARG A 195 -13.01 -29.69 3.64
C ARG A 195 -11.72 -29.46 2.85
N MET A 196 -11.80 -28.57 1.86
CA MET A 196 -10.68 -28.29 0.96
C MET A 196 -9.56 -27.46 1.57
N THR A 197 -9.94 -26.35 2.21
CA THR A 197 -8.98 -25.44 2.80
C THR A 197 -8.47 -25.95 4.14
N SER A 198 -9.37 -26.13 5.11
CA SER A 198 -9.07 -26.70 6.43
C SER A 198 -8.74 -25.77 7.63
N GLY A 199 -9.21 -24.53 7.68
CA GLY A 199 -9.95 -23.83 6.65
C GLY A 199 -8.92 -22.82 6.20
N PHE A 200 -9.20 -21.53 6.41
CA PHE A 200 -8.25 -20.48 6.09
C PHE A 200 -7.17 -20.41 7.17
N GLN A 201 -5.91 -20.53 6.78
CA GLN A 201 -4.83 -20.71 7.74
C GLN A 201 -3.95 -19.50 7.97
N ARG A 202 -3.36 -19.45 9.16
CA ARG A 202 -2.48 -18.34 9.56
C ARG A 202 -1.34 -18.12 8.57
N SER A 203 -1.08 -16.84 8.26
CA SER A 203 -0.02 -16.43 7.35
C SER A 203 -0.36 -16.55 5.85
N ASP A 204 -1.52 -17.13 5.54
CA ASP A 204 -1.93 -17.26 4.15
C ASP A 204 -2.57 -15.99 3.59
N LEU A 205 -2.22 -15.68 2.34
CA LEU A 205 -2.85 -14.59 1.61
C LEU A 205 -3.92 -15.20 0.71
N ILE A 206 -5.17 -14.87 0.99
CA ILE A 206 -6.29 -15.45 0.27
C ILE A 206 -6.93 -14.39 -0.58
N ILE A 207 -6.99 -14.64 -1.88
CA ILE A 207 -7.57 -13.69 -2.83
C ILE A 207 -8.89 -14.22 -3.38
N VAL A 208 -9.95 -13.45 -3.19
CA VAL A 208 -11.27 -13.82 -3.66
C VAL A 208 -11.69 -12.82 -4.73
N ALA A 209 -11.55 -13.25 -5.99
CA ALA A 209 -11.88 -12.43 -7.14
C ALA A 209 -13.26 -12.79 -7.72
N ALA A 210 -13.97 -11.78 -8.21
CA ALA A 210 -15.29 -11.96 -8.82
C ALA A 210 -15.76 -10.70 -9.55
N ARG A 211 -16.45 -10.90 -10.69
CA ARG A 211 -17.02 -9.80 -11.46
C ARG A 211 -18.10 -9.12 -10.60
N PRO A 212 -18.41 -7.84 -10.88
CA PRO A 212 -19.45 -7.14 -10.11
C PRO A 212 -20.84 -7.80 -10.25
N SER A 213 -21.60 -7.81 -9.15
CA SER A 213 -22.95 -8.43 -9.08
C SER A 213 -22.93 -9.92 -8.72
N VAL A 214 -21.74 -10.50 -8.64
CA VAL A 214 -21.59 -11.93 -8.36
C VAL A 214 -21.74 -12.22 -6.86
N GLY A 215 -21.23 -11.32 -6.03
CA GLY A 215 -21.41 -11.44 -4.59
C GLY A 215 -20.17 -11.71 -3.77
N LYS A 216 -19.04 -11.14 -4.18
CA LYS A 216 -17.78 -11.32 -3.45
C LYS A 216 -17.81 -10.66 -2.08
N THR A 217 -18.42 -9.47 -2.01
CA THR A 217 -18.54 -8.71 -0.76
C THR A 217 -19.37 -9.48 0.25
N ALA A 218 -20.54 -9.98 -0.18
CA ALA A 218 -21.42 -10.77 0.67
C ALA A 218 -20.72 -12.02 1.17
N PHE A 219 -19.93 -12.64 0.29
CA PHE A 219 -19.16 -13.84 0.62
C PHE A 219 -18.18 -13.58 1.77
N ALA A 220 -17.36 -12.54 1.61
CA ALA A 220 -16.37 -12.16 2.60
C ALA A 220 -17.00 -11.78 3.96
N LEU A 221 -18.11 -11.05 3.91
CA LEU A 221 -18.84 -10.67 5.13
C LEU A 221 -19.41 -11.89 5.85
N ASN A 222 -19.97 -12.84 5.10
CA ASN A 222 -20.49 -14.08 5.68
C ASN A 222 -19.40 -14.83 6.44
N ILE A 223 -18.22 -14.92 5.82
CA ILE A 223 -17.07 -15.58 6.43
C ILE A 223 -16.65 -14.84 7.70
N ALA A 224 -16.47 -13.53 7.58
CA ALA A 224 -16.10 -12.66 8.71
C ALA A 224 -17.13 -12.77 9.84
N GLN A 225 -18.40 -12.85 9.45
CA GLN A 225 -19.50 -12.96 10.39
C GLN A 225 -19.49 -14.31 11.10
N ASN A 226 -19.27 -15.39 10.34
CA ASN A 226 -19.19 -16.73 10.91
C ASN A 226 -18.03 -16.89 11.89
N VAL A 227 -16.87 -16.33 11.52
CA VAL A 227 -15.69 -16.40 12.38
C VAL A 227 -15.94 -15.68 13.70
N ALA A 228 -16.40 -14.43 13.63
CA ALA A 228 -16.59 -13.62 14.84
C ALA A 228 -17.70 -14.08 15.77
N THR A 229 -18.84 -14.51 15.21
CA THR A 229 -19.97 -14.97 16.04
C THR A 229 -19.82 -16.40 16.54
N LYS A 230 -19.22 -17.28 15.73
CA LYS A 230 -19.06 -18.70 16.10
C LYS A 230 -17.78 -19.00 16.88
N THR A 231 -16.64 -18.50 16.41
CA THR A 231 -15.37 -18.71 17.10
C THR A 231 -14.95 -17.48 17.93
N ASN A 232 -14.03 -17.68 18.87
CA ASN A 232 -13.61 -16.63 19.82
C ASN A 232 -12.57 -15.66 19.24
N GLU A 233 -12.53 -15.58 17.91
CA GLU A 233 -11.49 -14.81 17.21
C GLU A 233 -11.98 -13.44 16.75
N ASN A 234 -11.04 -12.50 16.61
CA ASN A 234 -11.34 -11.14 16.14
C ASN A 234 -11.09 -10.99 14.65
N VAL A 235 -12.02 -10.32 13.97
CA VAL A 235 -11.91 -10.10 12.53
C VAL A 235 -11.79 -8.60 12.26
N ALA A 236 -10.81 -8.24 11.43
CA ALA A 236 -10.61 -6.84 11.04
C ALA A 236 -11.06 -6.65 9.60
N ILE A 237 -12.10 -5.83 9.41
CA ILE A 237 -12.66 -5.61 8.09
C ILE A 237 -12.38 -4.20 7.61
N PHE A 238 -11.78 -4.10 6.42
CA PHE A 238 -11.52 -2.83 5.79
C PHE A 238 -12.50 -2.69 4.63
N SER A 239 -13.41 -1.73 4.75
CA SER A 239 -14.37 -1.51 3.69
C SER A 239 -14.09 -0.16 3.05
N LEU A 240 -13.57 -0.19 1.83
CA LEU A 240 -13.13 1.02 1.16
C LEU A 240 -14.18 1.63 0.24
N GLU A 241 -15.16 0.82 -0.17
CA GLU A 241 -16.22 1.27 -1.07
C GLU A 241 -17.55 1.46 -0.34
N MET A 242 -17.67 0.86 0.85
CA MET A 242 -18.92 0.79 1.58
C MET A 242 -18.72 1.24 3.03
N SER A 243 -19.62 2.08 3.53
CA SER A 243 -19.50 2.61 4.89
C SER A 243 -19.71 1.54 5.95
N ALA A 244 -19.31 1.84 7.19
CA ALA A 244 -19.43 0.89 8.31
C ALA A 244 -20.87 0.53 8.66
N GLN A 245 -21.78 1.48 8.53
CA GLN A 245 -23.19 1.25 8.85
C GLN A 245 -23.87 0.50 7.71
N GLN A 246 -23.50 0.84 6.48
CA GLN A 246 -24.02 0.23 5.27
C GLN A 246 -23.65 -1.25 5.21
N LEU A 247 -22.55 -1.58 5.86
CA LEU A 247 -22.02 -2.94 5.90
C LEU A 247 -22.59 -3.72 7.08
N VAL A 248 -22.83 -3.03 8.20
CA VAL A 248 -23.49 -3.64 9.36
C VAL A 248 -24.96 -3.96 9.04
N MET A 249 -25.59 -3.10 8.23
CA MET A 249 -26.93 -3.32 7.70
C MET A 249 -27.02 -4.68 7.02
N ARG A 250 -26.01 -4.98 6.21
CA ARG A 250 -25.99 -6.23 5.44
C ARG A 250 -25.74 -7.45 6.31
N MET A 251 -24.94 -7.31 7.37
CA MET A 251 -24.73 -8.45 8.27
C MET A 251 -25.77 -8.59 9.38
N LEU A 252 -26.58 -7.54 9.60
CA LEU A 252 -27.74 -7.65 10.48
C LEU A 252 -28.80 -8.49 9.77
N CYS A 253 -29.07 -8.16 8.51
CA CYS A 253 -30.00 -8.90 7.66
C CYS A 253 -29.62 -10.36 7.60
N ALA A 254 -28.35 -10.60 7.25
CA ALA A 254 -27.80 -11.95 7.14
C ALA A 254 -27.95 -12.72 8.45
N GLU A 255 -27.68 -12.04 9.55
CA GLU A 255 -27.72 -12.65 10.88
C GLU A 255 -29.11 -13.17 11.26
N GLY A 256 -30.06 -12.25 11.40
CA GLY A 256 -31.40 -12.56 11.88
C GLY A 256 -32.47 -12.91 10.85
N ASN A 257 -32.07 -13.00 9.58
CA ASN A 257 -32.98 -13.31 8.47
C ASN A 257 -34.01 -12.22 8.21
N ILE A 258 -33.53 -11.01 7.99
CA ILE A 258 -34.39 -9.85 7.72
C ILE A 258 -34.26 -9.43 6.26
N ASN A 259 -35.40 -9.34 5.58
CA ASN A 259 -35.43 -8.95 4.18
C ASN A 259 -34.75 -7.58 4.03
N ALA A 260 -33.69 -7.53 3.22
CA ALA A 260 -32.88 -6.31 3.04
C ALA A 260 -33.67 -5.13 2.48
N GLN A 261 -34.38 -5.35 1.38
CA GLN A 261 -35.17 -4.30 0.73
C GLN A 261 -36.24 -3.76 1.68
N ASN A 262 -36.69 -4.64 2.58
CA ASN A 262 -37.66 -4.32 3.62
C ASN A 262 -37.09 -3.25 4.57
N LEU A 263 -35.83 -3.42 4.99
CA LEU A 263 -35.15 -2.41 5.81
C LEU A 263 -34.91 -1.11 5.04
N ARG A 264 -34.51 -1.24 3.77
CA ARG A 264 -34.25 -0.09 2.88
C ARG A 264 -35.46 0.84 2.73
N THR A 265 -36.66 0.34 3.04
CA THR A 265 -37.89 1.10 2.83
C THR A 265 -38.67 1.37 4.13
N GLY A 266 -38.02 1.18 5.27
CA GLY A 266 -38.65 1.43 6.58
C GLY A 266 -39.56 0.31 7.05
N LYS A 267 -40.36 -0.23 6.12
CA LYS A 267 -41.27 -1.35 6.36
C LYS A 267 -40.60 -2.37 7.26
N LEU A 268 -41.28 -2.75 8.34
CA LEU A 268 -40.77 -3.72 9.31
C LEU A 268 -41.91 -4.35 10.08
N THR A 269 -42.24 -5.58 9.71
CA THR A 269 -43.31 -6.34 10.37
C THR A 269 -42.98 -6.48 11.86
N PRO A 270 -43.99 -6.37 12.74
CA PRO A 270 -43.75 -6.41 14.19
C PRO A 270 -42.69 -7.43 14.65
N GLU A 271 -42.63 -8.56 13.98
CA GLU A 271 -41.80 -9.61 14.49
C GLU A 271 -40.47 -9.63 13.74
N ASP A 272 -40.47 -8.94 12.61
CA ASP A 272 -39.25 -8.71 11.85
C ASP A 272 -38.40 -7.78 12.71
N TRP A 273 -39.06 -7.03 13.60
CA TRP A 273 -38.40 -6.13 14.53
C TRP A 273 -37.79 -6.91 15.69
N GLY A 274 -38.52 -7.90 16.18
CA GLY A 274 -38.03 -8.77 17.24
C GLY A 274 -36.86 -9.58 16.72
N LYS A 275 -36.87 -9.77 15.40
CA LYS A 275 -35.84 -10.50 14.67
C LYS A 275 -34.56 -9.67 14.69
N LEU A 276 -34.74 -8.36 14.64
CA LEU A 276 -33.64 -7.39 14.63
C LEU A 276 -32.92 -7.27 15.97
N THR A 277 -33.68 -7.36 17.06
CA THR A 277 -33.10 -7.22 18.40
C THR A 277 -32.24 -8.43 18.79
N MET A 278 -32.57 -9.59 18.25
CA MET A 278 -31.81 -10.82 18.52
C MET A 278 -30.53 -10.80 17.70
N ALA A 279 -30.61 -10.23 16.50
CA ALA A 279 -29.46 -10.09 15.62
C ALA A 279 -28.44 -9.18 16.29
N MET A 280 -28.91 -8.05 16.78
CA MET A 280 -28.06 -7.08 17.47
C MET A 280 -27.43 -7.67 18.73
N GLY A 281 -28.26 -8.36 19.51
CA GLY A 281 -27.81 -8.99 20.75
C GLY A 281 -26.65 -9.94 20.50
N SER A 282 -26.86 -10.84 19.55
CA SER A 282 -25.85 -11.84 19.20
C SER A 282 -24.64 -11.22 18.49
N LEU A 283 -24.87 -10.14 17.74
CA LEU A 283 -23.82 -9.51 16.96
C LEU A 283 -22.94 -8.58 17.80
N SER A 284 -23.46 -8.13 18.94
CA SER A 284 -22.73 -7.26 19.86
C SER A 284 -21.59 -7.97 20.58
N ASN A 285 -21.74 -9.27 20.80
CA ASN A 285 -20.74 -10.08 21.50
C ASN A 285 -19.56 -10.44 20.58
N ALA A 286 -19.79 -10.33 19.27
CA ALA A 286 -18.78 -10.65 18.26
C ALA A 286 -17.64 -9.63 18.23
N GLY A 287 -16.44 -10.11 17.94
CA GLY A 287 -15.27 -9.25 17.83
C GLY A 287 -15.08 -8.78 16.41
N ILE A 288 -15.91 -7.81 16.00
CA ILE A 288 -15.83 -7.23 14.65
C ILE A 288 -15.38 -5.77 14.68
N TYR A 289 -14.25 -5.53 14.03
CA TYR A 289 -13.64 -4.21 13.95
C TYR A 289 -13.64 -3.74 12.51
N ILE A 290 -14.30 -2.63 12.25
CA ILE A 290 -14.44 -2.12 10.88
C ILE A 290 -13.78 -0.77 10.71
N ASP A 291 -13.01 -0.65 9.63
CA ASP A 291 -12.41 0.60 9.22
C ASP A 291 -12.97 0.94 7.83
N ASP A 292 -13.80 1.98 7.75
CA ASP A 292 -14.41 2.34 6.47
C ASP A 292 -13.76 3.54 5.78
N THR A 293 -12.44 3.64 5.93
CA THR A 293 -11.64 4.68 5.29
C THR A 293 -11.57 4.43 3.77
N PRO A 294 -12.13 5.38 2.99
CA PRO A 294 -12.30 5.37 1.53
C PRO A 294 -11.15 4.80 0.68
N SER A 295 -9.92 5.24 0.91
CA SER A 295 -8.77 4.68 0.16
C SER A 295 -7.45 4.70 0.92
N ILE A 296 -7.34 3.77 1.87
CA ILE A 296 -6.17 3.64 2.75
C ILE A 296 -4.96 3.14 1.99
N ARG A 297 -3.77 3.40 2.54
CA ARG A 297 -2.55 2.83 2.00
C ARG A 297 -2.32 1.55 2.79
N VAL A 298 -1.40 0.69 2.33
CA VAL A 298 -1.18 -0.58 3.03
C VAL A 298 -0.51 -0.36 4.39
N SER A 299 0.26 0.72 4.51
CA SER A 299 0.97 0.99 5.75
C SER A 299 -0.03 1.29 6.87
N ASP A 300 -1.08 2.04 6.53
CA ASP A 300 -2.16 2.36 7.47
C ASP A 300 -2.87 1.07 7.89
N ILE A 301 -3.28 0.26 6.92
CA ILE A 301 -3.89 -1.03 7.20
C ILE A 301 -3.00 -1.78 8.18
N ARG A 302 -1.73 -1.94 7.80
CA ARG A 302 -0.76 -2.68 8.60
C ARG A 302 -0.61 -2.16 10.02
N ALA A 303 -0.48 -0.85 10.18
CA ALA A 303 -0.32 -0.25 11.50
C ALA A 303 -1.53 -0.49 12.41
N LYS A 304 -2.73 -0.39 11.84
CA LYS A 304 -3.96 -0.56 12.60
C LYS A 304 -4.12 -2.00 13.07
N CYS A 305 -3.85 -2.95 12.18
CA CYS A 305 -3.92 -4.37 12.50
C CYS A 305 -2.89 -4.74 13.58
N ARG A 306 -1.72 -4.13 13.46
CA ARG A 306 -0.59 -4.30 14.36
C ARG A 306 -0.99 -3.98 15.80
N ARG A 307 -1.56 -2.79 15.97
CA ARG A 307 -2.01 -2.31 17.28
C ARG A 307 -3.11 -3.19 17.84
N LEU A 308 -4.00 -3.65 16.96
CA LEU A 308 -5.15 -4.46 17.35
C LEU A 308 -4.74 -5.82 17.89
N LYS A 309 -3.82 -6.51 17.22
CA LYS A 309 -3.41 -7.84 17.65
C LYS A 309 -2.77 -7.86 19.04
N GLN A 310 -2.06 -6.78 19.37
CA GLN A 310 -1.36 -6.67 20.64
C GLN A 310 -2.20 -5.95 21.70
N GLU A 311 -3.39 -5.51 21.29
CA GLU A 311 -4.33 -4.79 22.16
C GLU A 311 -5.52 -5.66 22.55
N SER A 312 -5.96 -6.51 21.63
CA SER A 312 -7.11 -7.38 21.85
C SER A 312 -6.93 -8.78 21.24
N GLY A 313 -5.98 -8.92 20.33
CA GLY A 313 -5.74 -10.18 19.63
C GLY A 313 -6.42 -10.12 18.27
N LEU A 314 -5.86 -10.79 17.27
CA LEU A 314 -6.42 -10.76 15.92
C LEU A 314 -6.41 -12.15 15.26
N GLY A 315 -7.49 -12.45 14.54
CA GLY A 315 -7.65 -13.75 13.86
C GLY A 315 -7.78 -13.75 12.34
N MET A 316 -8.41 -12.72 11.78
CA MET A 316 -8.57 -12.56 10.33
C MET A 316 -8.55 -11.12 9.91
N ILE A 317 -8.11 -10.89 8.67
CA ILE A 317 -8.19 -9.59 8.05
C ILE A 317 -8.94 -9.75 6.73
N VAL A 318 -9.97 -8.94 6.54
CA VAL A 318 -10.74 -8.93 5.30
C VAL A 318 -10.64 -7.53 4.71
N ILE A 319 -10.26 -7.44 3.44
CA ILE A 319 -10.16 -6.14 2.76
C ILE A 319 -11.11 -6.08 1.56
N ASP A 320 -12.15 -5.22 1.64
CA ASP A 320 -13.13 -5.09 0.55
C ASP A 320 -12.55 -4.38 -0.66
N TYR A 321 -12.18 -5.26 -1.58
CA TYR A 321 -11.42 -5.08 -2.81
C TYR A 321 -10.16 -4.25 -2.87
N LEU A 322 -9.15 -4.92 -3.39
CA LEU A 322 -7.76 -4.50 -3.42
C LEU A 322 -7.42 -3.39 -4.39
N GLN A 323 -8.19 -3.26 -5.47
CA GLN A 323 -7.91 -2.26 -6.51
C GLN A 323 -8.25 -0.85 -6.03
N LEU A 324 -8.79 -0.73 -4.81
CA LEU A 324 -9.14 0.56 -4.22
C LEU A 324 -8.08 1.09 -3.26
N ILE A 325 -7.19 0.19 -2.82
CA ILE A 325 -6.08 0.54 -1.96
C ILE A 325 -5.17 1.46 -2.78
N GLN A 326 -4.83 2.62 -2.25
CA GLN A 326 -3.94 3.51 -2.97
C GLN A 326 -2.50 3.17 -2.67
N GLY A 327 -1.64 3.38 -3.66
CA GLY A 327 -0.22 3.07 -3.52
C GLY A 327 0.56 3.98 -2.59
N SER A 328 1.85 3.72 -2.49
CA SER A 328 2.79 4.45 -1.65
C SER A 328 2.98 5.90 -2.07
N GLY A 329 2.67 6.19 -3.34
CA GLY A 329 2.78 7.55 -3.87
C GLY A 329 1.49 8.32 -3.70
N ARG A 330 1.36 9.41 -4.46
CA ARG A 330 0.18 10.26 -4.38
C ARG A 330 -0.75 10.04 -5.58
N ARG A 335 0.02 1.86 -11.52
CA ARG A 335 -1.10 1.02 -11.11
C ARG A 335 -0.81 -0.46 -11.40
N GLN A 336 -0.03 -0.72 -12.44
CA GLN A 336 0.37 -2.09 -12.77
C GLN A 336 1.43 -2.56 -11.77
N GLN A 337 2.48 -1.77 -11.61
CA GLN A 337 3.57 -2.04 -10.67
C GLN A 337 3.12 -1.78 -9.24
N GLU A 338 2.29 -0.76 -9.08
CA GLU A 338 1.71 -0.35 -7.81
C GLU A 338 0.90 -1.46 -7.14
N VAL A 339 0.10 -2.20 -7.90
CA VAL A 339 -0.73 -3.29 -7.36
C VAL A 339 0.11 -4.48 -6.87
N SER A 340 1.22 -4.75 -7.57
CA SER A 340 2.16 -5.80 -7.20
C SER A 340 2.74 -5.57 -5.81
N GLU A 341 3.16 -4.34 -5.52
CA GLU A 341 3.71 -3.97 -4.21
C GLU A 341 2.69 -4.10 -3.09
N ILE A 342 1.44 -3.75 -3.37
CA ILE A 342 0.35 -3.88 -2.42
C ILE A 342 0.13 -5.37 -2.15
N SER A 343 0.07 -6.16 -3.21
CA SER A 343 -0.08 -7.61 -3.13
C SER A 343 1.01 -8.17 -2.22
N ARG A 344 2.25 -7.88 -2.57
CA ARG A 344 3.44 -8.30 -1.84
C ARG A 344 3.38 -7.86 -0.38
N SER A 345 2.87 -6.66 -0.16
CA SER A 345 2.73 -6.08 1.18
C SER A 345 1.66 -6.79 2.02
N LEU A 346 0.53 -7.13 1.39
CA LEU A 346 -0.53 -7.90 2.07
C LEU A 346 -0.07 -9.28 2.52
N LYS A 347 0.77 -9.93 1.70
CA LYS A 347 1.35 -11.23 2.05
C LYS A 347 2.29 -11.08 3.25
N ALA A 348 3.08 -9.99 3.27
CA ALA A 348 3.95 -9.68 4.39
C ALA A 348 3.10 -9.37 5.63
N LEU A 349 1.95 -8.75 5.42
CA LEU A 349 1.00 -8.48 6.50
C LEU A 349 0.52 -9.80 7.13
N ALA A 350 0.15 -10.75 6.28
CA ALA A 350 -0.29 -12.06 6.74
C ALA A 350 0.78 -12.76 7.57
N ARG A 351 2.03 -12.77 7.07
CA ARG A 351 3.14 -13.42 7.78
C ARG A 351 3.46 -12.78 9.12
N GLU A 352 3.47 -11.45 9.16
CA GLU A 352 3.78 -10.70 10.38
C GLU A 352 2.81 -11.03 11.52
N LEU A 353 1.52 -10.86 11.28
CA LEU A 353 0.47 -11.06 12.27
C LEU A 353 -0.02 -12.51 12.40
N GLU A 354 0.62 -13.41 11.64
CA GLU A 354 0.28 -14.85 11.64
C GLU A 354 -1.23 -15.05 11.55
N VAL A 355 -1.80 -14.47 10.51
CA VAL A 355 -3.23 -14.41 10.33
C VAL A 355 -3.55 -14.53 8.84
N PRO A 356 -4.66 -15.21 8.50
CA PRO A 356 -5.11 -15.24 7.11
C PRO A 356 -5.64 -13.88 6.67
N VAL A 357 -5.21 -13.42 5.50
CA VAL A 357 -5.66 -12.14 4.95
C VAL A 357 -6.51 -12.42 3.72
N ILE A 358 -7.78 -12.01 3.78
CA ILE A 358 -8.68 -12.19 2.66
C ILE A 358 -8.85 -10.88 1.92
N ALA A 359 -8.25 -10.81 0.72
CA ALA A 359 -8.34 -9.63 -0.11
C ALA A 359 -9.23 -9.90 -1.31
N LEU A 360 -10.34 -9.18 -1.38
CA LEU A 360 -11.24 -9.29 -2.51
C LEU A 360 -10.58 -8.62 -3.70
N SER A 361 -10.84 -9.16 -4.89
CA SER A 361 -10.29 -8.62 -6.12
C SER A 361 -11.38 -8.60 -7.18
N GLN A 362 -11.30 -7.64 -8.09
CA GLN A 362 -12.28 -7.57 -9.15
C GLN A 362 -11.66 -8.19 -10.39
N LEU A 363 -12.49 -8.85 -11.20
CA LEU A 363 -11.99 -9.50 -12.41
C LEU A 363 -12.15 -8.62 -13.62
N SER A 364 -11.24 -8.78 -14.57
CA SER A 364 -11.32 -8.06 -15.85
C SER A 364 -12.52 -8.58 -16.65
N ARG A 365 -12.88 -7.86 -17.71
CA ARG A 365 -14.05 -8.21 -18.51
C ARG A 365 -13.70 -9.25 -19.58
N SER A 366 -12.91 -10.24 -19.18
CA SER A 366 -12.46 -11.33 -20.04
C SER A 366 -13.34 -12.57 -19.92
N VAL A 367 -13.89 -12.79 -18.73
CA VAL A 367 -14.79 -13.91 -18.43
C VAL A 367 -15.95 -13.93 -19.45
N GLU A 368 -16.45 -12.74 -19.74
CA GLU A 368 -17.55 -12.54 -20.67
C GLU A 368 -17.10 -12.71 -22.13
N GLN A 369 -15.79 -12.53 -22.35
CA GLN A 369 -15.21 -12.69 -23.69
C GLN A 369 -15.03 -14.16 -24.08
N ARG A 370 -15.35 -15.06 -23.14
CA ARG A 370 -15.29 -16.51 -23.41
C ARG A 370 -16.68 -17.07 -23.64
N ARG A 374 -16.75 -18.68 -16.95
CA ARG A 374 -16.05 -19.36 -15.86
C ARG A 374 -14.62 -18.83 -15.72
N PRO A 375 -14.37 -17.95 -14.73
CA PRO A 375 -13.09 -17.29 -14.51
C PRO A 375 -11.91 -18.24 -14.33
N MET A 376 -10.72 -17.79 -14.75
CA MET A 376 -9.48 -18.53 -14.58
C MET A 376 -8.34 -17.59 -14.17
N MET A 377 -7.13 -18.12 -14.00
CA MET A 377 -5.99 -17.31 -13.54
C MET A 377 -5.63 -16.12 -14.42
N SER A 378 -5.70 -16.31 -15.74
CA SER A 378 -5.37 -15.24 -16.69
C SER A 378 -6.24 -13.98 -16.53
N ASP A 379 -7.41 -14.13 -15.89
CA ASP A 379 -8.32 -13.01 -15.65
C ASP A 379 -7.82 -12.04 -14.57
N ILE A 380 -6.96 -12.54 -13.69
CA ILE A 380 -6.28 -11.69 -12.71
C ILE A 380 -4.80 -11.52 -13.06
N ARG A 381 -4.36 -12.24 -14.10
CA ARG A 381 -2.98 -12.18 -14.56
C ARG A 381 -2.70 -10.86 -15.27
N GLU A 382 -3.75 -10.27 -15.84
CA GLU A 382 -3.64 -8.97 -16.50
C GLU A 382 -3.68 -7.86 -15.44
N SER A 383 -3.84 -8.29 -14.18
CA SER A 383 -3.88 -7.40 -13.03
C SER A 383 -2.86 -7.85 -11.98
N GLY A 384 -1.97 -8.76 -12.38
CA GLY A 384 -0.97 -9.36 -11.49
C GLY A 384 0.05 -8.40 -10.90
N SER A 385 1.13 -8.93 -10.30
CA SER A 385 1.36 -10.36 -10.17
C SER A 385 0.86 -10.90 -8.84
N ILE A 386 -0.45 -10.80 -8.63
CA ILE A 386 -1.12 -11.26 -7.43
C ILE A 386 -1.11 -12.79 -7.38
N GLU A 387 -1.07 -13.40 -8.57
CA GLU A 387 -1.01 -14.86 -8.72
C GLU A 387 0.14 -15.48 -7.91
N GLN A 388 1.33 -14.89 -8.01
CA GLN A 388 2.52 -15.37 -7.28
C GLN A 388 2.40 -15.24 -5.77
N ASP A 389 2.02 -14.05 -5.30
CA ASP A 389 1.94 -13.75 -3.87
C ASP A 389 0.87 -14.52 -3.13
N ALA A 390 -0.26 -14.75 -3.79
CA ALA A 390 -1.38 -15.44 -3.17
C ALA A 390 -1.07 -16.91 -3.05
N ASP A 391 -1.26 -17.46 -1.87
CA ASP A 391 -1.09 -18.91 -1.73
C ASP A 391 -2.43 -19.60 -1.95
N ILE A 392 -3.48 -18.81 -2.02
CA ILE A 392 -4.82 -19.30 -2.36
C ILE A 392 -5.67 -18.25 -3.10
N VAL A 393 -6.05 -18.58 -4.33
CA VAL A 393 -6.83 -17.71 -5.19
C VAL A 393 -8.18 -18.39 -5.45
N ALA A 394 -9.25 -17.69 -5.12
CA ALA A 394 -10.60 -18.22 -5.29
C ALA A 394 -11.43 -17.35 -6.22
N PHE A 395 -12.19 -17.99 -7.10
CA PHE A 395 -13.11 -17.27 -7.97
C PHE A 395 -14.55 -17.58 -7.62
N LEU A 396 -15.41 -16.58 -7.74
CA LEU A 396 -16.83 -16.78 -7.56
C LEU A 396 -17.51 -16.68 -8.92
N TYR A 397 -18.27 -17.71 -9.28
CA TYR A 397 -18.95 -17.77 -10.57
C TYR A 397 -20.39 -18.27 -10.39
N ARG A 398 -21.35 -17.52 -10.93
CA ARG A 398 -22.74 -17.94 -10.92
C ARG A 398 -23.13 -18.57 -12.26
N ASP A 399 -23.64 -19.78 -12.22
CA ASP A 399 -23.97 -20.60 -13.39
C ASP A 399 -25.06 -20.04 -14.32
N ASP A 400 -25.92 -19.15 -13.80
CA ASP A 400 -27.09 -18.69 -14.56
C ASP A 400 -27.12 -17.24 -15.10
N TYR A 401 -26.05 -16.46 -14.87
CA TYR A 401 -26.00 -15.11 -15.43
C TYR A 401 -25.74 -15.15 -16.93
N LYS A 409 -32.08 -21.57 -10.18
CA LYS A 409 -31.05 -22.05 -9.26
C LYS A 409 -30.22 -20.89 -8.71
N ASN A 410 -30.54 -20.46 -7.50
CA ASN A 410 -29.77 -19.39 -6.83
C ASN A 410 -28.51 -19.95 -6.16
N ILE A 411 -27.78 -20.77 -6.92
CA ILE A 411 -26.60 -21.46 -6.46
C ILE A 411 -25.36 -20.80 -7.08
N ILE A 412 -24.31 -20.66 -6.29
CA ILE A 412 -23.10 -19.96 -6.73
C ILE A 412 -21.86 -20.83 -6.52
N GLU A 413 -20.93 -20.77 -7.47
CA GLU A 413 -19.73 -21.61 -7.41
C GLU A 413 -18.52 -20.90 -6.85
N ILE A 414 -17.75 -21.63 -6.06
CA ILE A 414 -16.53 -21.11 -5.48
C ILE A 414 -15.39 -21.97 -5.99
N ILE A 415 -14.76 -21.48 -7.05
CA ILE A 415 -13.66 -22.14 -7.72
C ILE A 415 -12.35 -21.82 -7.01
N ILE A 416 -11.75 -22.83 -6.39
CA ILE A 416 -10.44 -22.65 -5.78
C ILE A 416 -9.41 -23.01 -6.85
N ALA A 417 -8.87 -21.98 -7.48
CA ALA A 417 -7.93 -22.14 -8.59
C ALA A 417 -6.51 -22.42 -8.11
N LYS A 418 -6.17 -21.90 -6.93
CA LYS A 418 -4.85 -22.10 -6.36
C LYS A 418 -4.94 -22.35 -4.86
N GLN A 419 -4.17 -23.32 -4.38
CA GLN A 419 -4.02 -23.63 -2.95
C GLN A 419 -2.67 -24.30 -2.75
N ARG A 420 -1.77 -23.64 -2.02
CA ARG A 420 -0.39 -24.15 -1.87
C ARG A 420 -0.28 -25.50 -1.15
N ASN A 421 -1.05 -25.65 -0.09
CA ASN A 421 -1.07 -26.89 0.67
C ASN A 421 -2.48 -27.45 0.69
N GLY A 422 -2.78 -28.30 -0.29
CA GLY A 422 -4.11 -28.85 -0.45
C GLY A 422 -4.63 -28.76 -1.87
N PRO A 423 -5.79 -29.40 -2.14
CA PRO A 423 -6.38 -29.58 -3.47
C PRO A 423 -6.88 -28.32 -4.18
N VAL A 424 -7.29 -28.54 -5.43
CA VAL A 424 -7.83 -27.52 -6.33
C VAL A 424 -9.16 -28.05 -6.90
N GLY A 425 -10.23 -27.29 -6.73
CA GLY A 425 -11.56 -27.67 -7.22
C GLY A 425 -12.66 -26.65 -6.98
N THR A 426 -13.91 -27.07 -7.19
CA THR A 426 -15.06 -26.20 -7.04
C THR A 426 -15.95 -26.60 -5.86
N VAL A 427 -16.09 -25.70 -4.89
CA VAL A 427 -17.00 -25.89 -3.77
C VAL A 427 -18.26 -25.11 -4.11
N GLN A 428 -19.42 -25.66 -3.76
CA GLN A 428 -20.68 -25.05 -4.15
C GLN A 428 -21.56 -24.60 -2.96
N LEU A 429 -22.06 -23.37 -3.05
CA LEU A 429 -22.94 -22.79 -2.02
C LEU A 429 -24.17 -22.14 -2.65
N ALA A 430 -25.22 -21.93 -1.84
CA ALA A 430 -26.44 -21.27 -2.31
C ALA A 430 -26.55 -19.84 -1.80
N PHE A 431 -26.94 -18.92 -2.67
CA PHE A 431 -27.08 -17.52 -2.31
C PHE A 431 -28.56 -17.12 -2.15
N ILE A 432 -28.87 -16.46 -1.04
CA ILE A 432 -30.23 -15.97 -0.83
C ILE A 432 -30.23 -14.45 -0.93
N LYS A 433 -30.76 -13.95 -2.04
CA LYS A 433 -30.82 -12.52 -2.33
C LYS A 433 -31.49 -11.70 -1.23
N GLU A 434 -32.65 -12.17 -0.77
CA GLU A 434 -33.47 -11.49 0.24
C GLU A 434 -32.72 -11.13 1.52
N TYR A 435 -31.78 -12.00 1.93
CA TYR A 435 -31.02 -11.80 3.16
C TYR A 435 -29.54 -11.51 2.90
N ASN A 436 -29.14 -11.57 1.63
CA ASN A 436 -27.75 -11.34 1.22
C ASN A 436 -26.80 -12.35 1.89
N LYS A 437 -27.20 -13.62 1.88
CA LYS A 437 -26.45 -14.70 2.55
C LYS A 437 -25.99 -15.83 1.66
N PHE A 438 -24.97 -16.52 2.13
CA PHE A 438 -24.50 -17.77 1.54
C PHE A 438 -24.75 -18.88 2.56
N VAL A 439 -25.40 -19.94 2.11
CA VAL A 439 -25.74 -21.05 3.00
C VAL A 439 -25.09 -22.32 2.45
N ASN A 440 -24.97 -23.34 3.29
CA ASN A 440 -24.45 -24.63 2.88
C ASN A 440 -25.35 -25.34 1.87
N LEU A 441 -25.07 -26.62 1.61
CA LEU A 441 -25.77 -27.36 0.58
C LEU A 441 -25.82 -28.85 0.93
N ILE B 9 20.07 24.92 3.18
CA ILE B 9 20.28 23.45 3.00
C ILE B 9 18.94 22.69 3.08
N PRO B 10 18.53 22.02 1.98
CA PRO B 10 17.22 21.39 1.98
C PRO B 10 17.15 20.23 2.96
N PRO B 11 16.08 20.17 3.79
CA PRO B 11 15.90 19.07 4.76
C PRO B 11 16.17 17.72 4.12
N GLN B 12 17.03 16.93 4.75
CA GLN B 12 17.47 15.65 4.22
C GLN B 12 18.05 14.75 5.31
N SER B 13 18.15 13.45 5.02
CA SER B 13 18.88 12.56 5.91
C SER B 13 19.62 11.48 5.13
N ILE B 14 20.80 11.85 4.60
CA ILE B 14 21.66 10.94 3.85
C ILE B 14 21.85 9.63 4.62
N GLU B 15 22.07 9.75 5.94
CA GLU B 15 22.25 8.60 6.83
C GLU B 15 21.03 7.69 6.85
N ALA B 16 19.84 8.29 6.92
CA ALA B 16 18.59 7.52 6.90
C ALA B 16 18.47 6.84 5.54
N GLU B 17 18.67 7.62 4.48
CA GLU B 17 18.65 7.09 3.13
C GLU B 17 19.61 5.92 3.00
N GLN B 18 20.85 6.11 3.44
CA GLN B 18 21.88 5.06 3.34
C GLN B 18 21.53 3.78 4.09
N ALA B 19 20.88 3.93 5.25
CA ALA B 19 20.44 2.77 5.99
C ALA B 19 19.34 2.02 5.24
N VAL B 20 18.40 2.75 4.63
CA VAL B 20 17.30 2.10 3.91
C VAL B 20 17.81 1.22 2.77
N LEU B 21 18.64 1.79 1.89
CA LEU B 21 19.19 1.05 0.76
C LEU B 21 20.08 -0.09 1.26
N GLY B 22 20.87 0.20 2.29
CA GLY B 22 21.73 -0.79 2.89
C GLY B 22 20.95 -1.95 3.45
N ALA B 23 19.83 -1.65 4.11
CA ALA B 23 18.99 -2.68 4.72
C ALA B 23 18.43 -3.61 3.66
N VAL B 24 18.05 -3.03 2.51
CA VAL B 24 17.52 -3.82 1.40
C VAL B 24 18.55 -4.85 0.92
N PHE B 25 19.80 -4.44 0.75
CA PHE B 25 20.86 -5.37 0.37
C PHE B 25 21.13 -6.45 1.43
N LEU B 26 20.96 -6.09 2.70
CA LEU B 26 21.23 -7.03 3.78
C LEU B 26 20.14 -8.07 3.94
N ASP B 27 18.91 -7.70 3.59
CA ASP B 27 17.75 -8.59 3.68
C ASP B 27 16.66 -8.08 2.75
N PRO B 28 16.51 -8.75 1.60
CA PRO B 28 15.62 -8.33 0.51
C PRO B 28 14.17 -8.08 0.96
N ALA B 29 13.77 -8.69 2.07
CA ALA B 29 12.43 -8.48 2.65
C ALA B 29 12.21 -7.04 3.09
N ALA B 30 13.29 -6.34 3.41
CA ALA B 30 13.21 -4.97 3.88
C ALA B 30 12.66 -4.01 2.82
N LEU B 31 12.69 -4.44 1.56
CA LEU B 31 12.18 -3.61 0.48
C LEU B 31 10.66 -3.39 0.59
N VAL B 32 9.94 -4.41 1.05
CA VAL B 32 8.49 -4.34 1.18
C VAL B 32 8.06 -3.19 2.12
N PRO B 33 8.60 -3.14 3.36
CA PRO B 33 8.19 -2.06 4.25
C PRO B 33 8.65 -0.69 3.76
N ALA B 34 9.82 -0.62 3.14
CA ALA B 34 10.33 0.64 2.60
C ALA B 34 9.48 1.09 1.42
N SER B 35 9.16 0.16 0.52
CA SER B 35 8.33 0.45 -0.64
C SER B 35 6.95 0.93 -0.21
N GLU B 36 6.45 0.47 0.95
CA GLU B 36 5.19 0.96 1.52
C GLU B 36 5.26 2.44 1.91
N ILE B 37 6.37 2.83 2.54
CA ILE B 37 6.52 4.19 3.07
C ILE B 37 7.12 5.16 2.07
N LEU B 38 7.90 4.66 1.11
CA LEU B 38 8.63 5.54 0.21
C LEU B 38 8.42 5.27 -1.27
N ILE B 39 8.64 6.33 -2.04
CA ILE B 39 8.77 6.26 -3.50
C ILE B 39 10.17 6.82 -3.84
N PRO B 40 10.75 6.40 -4.99
CA PRO B 40 12.13 6.84 -5.30
C PRO B 40 12.35 8.34 -5.18
N GLU B 41 11.35 9.12 -5.58
CA GLU B 41 11.41 10.59 -5.56
C GLU B 41 11.61 11.20 -4.17
N ASP B 42 11.38 10.41 -3.11
CA ASP B 42 11.48 10.90 -1.74
C ASP B 42 12.94 11.03 -1.30
N PHE B 43 13.82 10.25 -1.93
CA PHE B 43 15.24 10.32 -1.64
C PHE B 43 15.78 11.62 -2.19
N TYR B 44 16.51 12.36 -1.36
CA TYR B 44 17.04 13.66 -1.76
C TYR B 44 18.13 13.54 -2.83
N ARG B 45 18.98 12.54 -2.72
CA ARG B 45 20.05 12.33 -3.68
C ARG B 45 19.59 11.52 -4.86
N ALA B 46 19.86 12.02 -6.06
CA ALA B 46 19.53 11.29 -7.28
C ALA B 46 20.10 9.86 -7.24
N ALA B 47 21.37 9.69 -6.89
CA ALA B 47 21.97 8.37 -6.83
C ALA B 47 21.04 7.39 -6.10
N HIS B 48 20.55 7.83 -4.94
CA HIS B 48 19.70 6.97 -4.09
C HIS B 48 18.35 6.74 -4.75
N GLN B 49 17.87 7.80 -5.39
CA GLN B 49 16.64 7.79 -6.16
C GLN B 49 16.76 6.73 -7.25
N LYS B 50 17.81 6.83 -8.07
CA LYS B 50 18.08 5.88 -9.12
C LYS B 50 18.17 4.47 -8.56
N ILE B 51 18.92 4.32 -7.47
CA ILE B 51 19.10 3.00 -6.86
C ILE B 51 17.78 2.40 -6.40
N PHE B 52 17.01 3.16 -5.62
CA PHE B 52 15.74 2.66 -5.10
C PHE B 52 14.75 2.27 -6.20
N HIS B 53 14.80 2.99 -7.31
CA HIS B 53 14.01 2.72 -8.49
C HIS B 53 14.43 1.36 -9.09
N ALA B 54 15.74 1.16 -9.26
CA ALA B 54 16.28 -0.08 -9.81
C ALA B 54 15.82 -1.22 -8.95
N MET B 55 15.90 -1.00 -7.65
CA MET B 55 15.53 -1.98 -6.65
C MET B 55 14.08 -2.41 -6.90
N LEU B 56 13.18 -1.42 -7.03
CA LEU B 56 11.75 -1.69 -7.26
C LEU B 56 11.46 -2.35 -8.62
N ARG B 57 12.26 -2.00 -9.61
CA ARG B 57 12.08 -2.49 -10.96
C ARG B 57 12.39 -3.99 -11.06
N VAL B 58 13.30 -4.44 -10.21
CA VAL B 58 13.68 -5.86 -10.16
C VAL B 58 12.62 -6.64 -9.39
N ALA B 59 12.18 -6.12 -8.25
CA ALA B 59 11.16 -6.78 -7.47
C ALA B 59 9.88 -7.00 -8.27
N ASP B 60 9.56 -6.06 -9.16
CA ASP B 60 8.36 -6.12 -10.00
C ASP B 60 8.38 -7.17 -11.10
N ARG B 61 9.53 -7.79 -11.34
CA ARG B 61 9.66 -8.73 -12.46
C ARG B 61 9.29 -10.22 -12.32
N GLY B 62 9.27 -10.85 -11.15
CA GLY B 62 9.68 -10.35 -9.86
C GLY B 62 10.86 -11.24 -9.55
N GLU B 63 12.04 -10.64 -9.52
CA GLU B 63 13.28 -11.34 -9.31
C GLU B 63 13.82 -10.97 -7.93
N PRO B 64 14.77 -11.77 -7.40
CA PRO B 64 15.30 -11.44 -6.09
C PRO B 64 16.13 -10.17 -6.13
N VAL B 65 16.00 -9.33 -5.10
CA VAL B 65 16.79 -8.09 -5.00
C VAL B 65 18.07 -8.35 -4.20
N ASP B 66 19.22 -8.20 -4.86
CA ASP B 66 20.52 -8.32 -4.21
C ASP B 66 21.54 -7.50 -5.01
N LEU B 67 22.79 -7.42 -4.54
CA LEU B 67 23.82 -6.61 -5.22
C LEU B 67 23.97 -6.89 -6.70
N VAL B 68 23.93 -8.17 -7.07
CA VAL B 68 24.15 -8.51 -8.46
C VAL B 68 22.96 -8.09 -9.34
N THR B 69 21.74 -8.48 -8.97
CA THR B 69 20.55 -8.13 -9.75
C THR B 69 20.33 -6.62 -9.85
N VAL B 70 20.60 -5.91 -8.75
CA VAL B 70 20.49 -4.45 -8.77
C VAL B 70 21.61 -3.82 -9.60
N THR B 71 22.86 -4.28 -9.46
CA THR B 71 23.95 -3.74 -10.27
C THR B 71 23.61 -3.89 -11.74
N ALA B 72 23.22 -5.10 -12.11
CA ALA B 72 22.88 -5.42 -13.49
C ALA B 72 21.76 -4.55 -14.00
N GLU B 73 20.84 -4.17 -13.10
CA GLU B 73 19.70 -3.35 -13.46
C GLU B 73 20.10 -1.91 -13.74
N LEU B 74 20.96 -1.37 -12.88
CA LEU B 74 21.45 -0.01 -13.06
C LEU B 74 22.32 0.09 -14.31
N ALA B 75 23.21 -0.89 -14.48
CA ALA B 75 24.08 -0.93 -15.66
C ALA B 75 23.29 -1.01 -16.96
N ALA B 76 22.25 -1.84 -16.97
CA ALA B 76 21.41 -2.04 -18.16
C ALA B 76 20.75 -0.76 -18.62
N SER B 77 20.37 0.08 -17.66
CA SER B 77 19.78 1.39 -17.93
C SER B 77 20.81 2.51 -17.81
N GLU B 78 22.07 2.15 -18.10
CA GLU B 78 23.20 3.08 -18.20
C GLU B 78 23.36 4.09 -17.08
N GLN B 79 23.20 3.63 -15.83
CA GLN B 79 23.36 4.53 -14.68
C GLN B 79 24.12 3.94 -13.49
N LEU B 80 24.85 2.86 -13.70
CA LEU B 80 25.69 2.27 -12.64
C LEU B 80 26.74 3.30 -12.20
N GLU B 81 27.45 3.88 -13.18
CA GLU B 81 28.51 4.83 -12.88
C GLU B 81 27.98 6.06 -12.13
N GLU B 82 26.89 6.66 -12.62
CA GLU B 82 26.30 7.86 -12.00
C GLU B 82 25.97 7.69 -10.51
N ILE B 83 25.61 6.48 -10.10
CA ILE B 83 25.24 6.25 -8.70
C ILE B 83 26.43 5.87 -7.82
N GLY B 84 27.63 5.87 -8.40
CA GLY B 84 28.83 5.59 -7.65
C GLY B 84 29.48 4.25 -7.91
N GLY B 85 28.89 3.44 -8.78
CA GLY B 85 29.46 2.14 -9.17
C GLY B 85 29.22 1.04 -8.15
N VAL B 86 29.75 -0.16 -8.41
CA VAL B 86 29.60 -1.27 -7.45
C VAL B 86 30.24 -0.93 -6.09
N SER B 87 31.25 -0.07 -6.09
CA SER B 87 31.87 0.39 -4.84
C SER B 87 30.79 0.90 -3.90
N TYR B 88 29.98 1.85 -4.38
CA TYR B 88 28.99 2.49 -3.54
C TYR B 88 27.94 1.50 -3.05
N LEU B 89 27.46 0.63 -3.94
CA LEU B 89 26.45 -0.35 -3.57
C LEU B 89 27.00 -1.25 -2.48
N SER B 90 28.27 -1.62 -2.61
CA SER B 90 28.92 -2.45 -1.61
C SER B 90 29.12 -1.69 -0.30
N GLU B 91 29.40 -0.39 -0.41
CA GLU B 91 29.59 0.43 0.77
C GLU B 91 28.31 0.43 1.58
N LEU B 92 27.20 0.59 0.88
CA LEU B 92 25.89 0.62 1.48
C LEU B 92 25.54 -0.73 2.09
N ALA B 93 25.91 -1.81 1.41
CA ALA B 93 25.61 -3.15 1.90
C ALA B 93 26.48 -3.56 3.08
N ASP B 94 27.70 -3.05 3.13
CA ASP B 94 28.63 -3.39 4.19
C ASP B 94 28.46 -2.53 5.45
N ALA B 95 27.81 -1.38 5.31
CA ALA B 95 27.67 -0.46 6.45
C ALA B 95 26.56 -0.88 7.39
N VAL B 96 25.52 -1.47 6.82
CA VAL B 96 24.30 -1.83 7.54
C VAL B 96 24.47 -3.02 8.49
N PRO B 97 24.34 -2.78 9.82
CA PRO B 97 24.42 -3.82 10.83
C PRO B 97 23.08 -4.53 11.08
N THR B 98 21.98 -3.91 10.67
CA THR B 98 20.64 -4.48 10.86
C THR B 98 19.64 -3.97 9.81
N ALA B 99 18.53 -4.70 9.66
CA ALA B 99 17.43 -4.29 8.78
C ALA B 99 16.09 -4.32 9.52
N ALA B 100 16.18 -4.38 10.85
CA ALA B 100 15.01 -4.50 11.71
C ALA B 100 14.29 -3.16 11.86
N ASN B 101 15.03 -2.08 11.65
CA ASN B 101 14.52 -0.75 11.80
C ASN B 101 14.37 0.02 10.49
N VAL B 102 14.17 -0.71 9.40
CA VAL B 102 14.02 -0.09 8.07
C VAL B 102 12.94 1.00 8.07
N GLU B 103 11.77 0.69 8.64
CA GLU B 103 10.68 1.65 8.59
C GLU B 103 10.90 2.89 9.47
N TYR B 104 11.71 2.75 10.50
CA TYR B 104 12.13 3.91 11.28
C TYR B 104 12.90 4.84 10.35
N TYR B 105 13.92 4.30 9.68
CA TYR B 105 14.73 5.07 8.74
C TYR B 105 13.93 5.51 7.51
N ALA B 106 12.98 4.69 7.09
CA ALA B 106 12.13 5.03 5.95
C ALA B 106 11.30 6.26 6.28
N ARG B 107 10.74 6.29 7.49
CA ARG B 107 9.88 7.39 7.92
C ARG B 107 10.61 8.73 8.05
N ILE B 108 11.89 8.67 8.43
CA ILE B 108 12.73 9.86 8.47
C ILE B 108 12.91 10.44 7.05
N VAL B 109 13.20 9.58 6.09
CA VAL B 109 13.35 9.97 4.69
C VAL B 109 12.06 10.62 4.18
N GLU B 110 10.93 10.00 4.51
CA GLU B 110 9.61 10.51 4.12
C GLU B 110 9.34 11.91 4.67
N GLU B 111 9.65 12.13 5.95
CA GLU B 111 9.45 13.43 6.58
C GLU B 111 10.21 14.53 5.87
N LYS B 112 11.52 14.34 5.71
CA LYS B 112 12.37 15.31 5.04
C LYS B 112 11.81 15.66 3.65
N SER B 113 11.27 14.63 2.99
CA SER B 113 10.64 14.77 1.68
C SER B 113 9.44 15.71 1.75
N VAL B 114 8.60 15.52 2.77
CA VAL B 114 7.42 16.34 2.97
C VAL B 114 7.84 17.80 3.17
N LEU B 115 8.80 18.01 4.07
CA LEU B 115 9.34 19.35 4.35
C LEU B 115 9.90 20.04 3.10
N ARG B 116 10.57 19.28 2.25
CA ARG B 116 11.07 19.85 1.01
C ARG B 116 9.87 20.34 0.17
N ARG B 117 8.85 19.49 0.07
CA ARG B 117 7.64 19.81 -0.69
C ARG B 117 6.93 21.05 -0.13
N LEU B 118 6.90 21.14 1.20
CA LEU B 118 6.34 22.29 1.88
C LEU B 118 7.09 23.55 1.45
N ILE B 119 8.41 23.49 1.53
CA ILE B 119 9.29 24.59 1.15
C ILE B 119 9.09 24.96 -0.32
N ARG B 120 9.06 23.96 -1.19
CA ARG B 120 8.92 24.20 -2.63
C ARG B 120 7.59 24.90 -2.94
N THR B 121 6.52 24.46 -2.27
CA THR B 121 5.20 25.02 -2.49
C THR B 121 5.15 26.49 -2.04
N ALA B 122 5.62 26.74 -0.82
CA ALA B 122 5.61 28.07 -0.25
C ALA B 122 6.48 29.06 -1.03
N THR B 123 7.65 28.62 -1.47
CA THR B 123 8.55 29.48 -2.24
C THR B 123 7.85 29.90 -3.53
N SER B 124 7.24 28.92 -4.19
CA SER B 124 6.52 29.15 -5.43
C SER B 124 5.41 30.20 -5.26
N ILE B 125 4.63 30.07 -4.18
CA ILE B 125 3.59 31.02 -3.87
C ILE B 125 4.18 32.41 -3.61
N ALA B 126 5.28 32.47 -2.88
CA ALA B 126 5.98 33.72 -2.59
C ALA B 126 6.44 34.37 -3.89
N GLN B 127 6.96 33.56 -4.79
CA GLN B 127 7.44 34.05 -6.08
C GLN B 127 6.28 34.51 -6.96
N ASP B 128 5.15 33.81 -6.90
CA ASP B 128 3.97 34.18 -7.69
C ASP B 128 3.39 35.52 -7.25
N GLY B 129 3.64 35.89 -5.99
CA GLY B 129 3.16 37.15 -5.44
C GLY B 129 3.75 38.37 -6.14
N TYR B 130 4.92 38.21 -6.73
CA TYR B 130 5.57 39.28 -7.47
C TYR B 130 5.19 39.25 -8.93
N THR B 131 5.14 38.03 -9.49
CA THR B 131 4.99 37.82 -10.94
C THR B 131 3.57 37.91 -11.51
N ARG B 132 2.56 37.56 -10.73
CA ARG B 132 1.16 37.59 -11.19
C ARG B 132 0.42 38.53 -10.28
N GLU B 133 -0.02 39.66 -10.80
CA GLU B 133 -0.47 40.76 -9.92
C GLU B 133 -1.88 41.40 -9.83
N ASP B 134 -2.82 41.39 -10.78
CA ASP B 134 -2.92 40.78 -12.10
C ASP B 134 -3.92 39.60 -12.01
N GLU B 135 -3.73 38.75 -11.00
CA GLU B 135 -4.59 37.58 -10.75
C GLU B 135 -4.78 37.31 -9.24
N ILE B 136 -4.97 38.35 -8.42
CA ILE B 136 -5.00 38.18 -6.96
C ILE B 136 -5.90 37.05 -6.47
N ASP B 137 -7.16 37.08 -6.88
CA ASP B 137 -8.16 36.12 -6.42
C ASP B 137 -7.83 34.68 -6.80
N VAL B 138 -7.33 34.51 -8.04
CA VAL B 138 -6.89 33.21 -8.53
C VAL B 138 -5.68 32.73 -7.74
N LEU B 139 -4.80 33.68 -7.38
CA LEU B 139 -3.60 33.39 -6.60
C LEU B 139 -3.88 32.89 -5.20
N LEU B 140 -4.83 33.54 -4.52
CA LEU B 140 -5.20 33.17 -3.17
C LEU B 140 -5.88 31.82 -3.12
N ASP B 141 -6.76 31.55 -4.09
CA ASP B 141 -7.40 30.24 -4.19
C ASP B 141 -6.39 29.11 -4.44
N GLU B 142 -5.50 29.29 -5.40
CA GLU B 142 -4.55 28.23 -5.71
C GLU B 142 -3.46 28.04 -4.65
N ALA B 143 -3.21 29.08 -3.87
CA ALA B 143 -2.28 28.98 -2.75
C ALA B 143 -2.92 28.17 -1.62
N ASP B 144 -4.22 28.38 -1.38
CA ASP B 144 -4.97 27.57 -0.42
C ASP B 144 -4.84 26.11 -0.82
N ARG B 145 -5.25 25.84 -2.06
CA ARG B 145 -5.22 24.51 -2.66
C ARG B 145 -3.83 23.88 -2.61
N LYS B 146 -2.82 24.61 -3.10
CA LYS B 146 -1.45 24.10 -3.13
C LYS B 146 -0.92 23.66 -1.76
N ILE B 147 -1.20 24.45 -0.73
CA ILE B 147 -0.77 24.11 0.63
C ILE B 147 -1.51 22.86 1.14
N MET B 148 -2.83 22.82 0.94
CA MET B 148 -3.63 21.64 1.31
C MET B 148 -3.04 20.38 0.69
N GLU B 149 -2.60 20.49 -0.56
CA GLU B 149 -2.05 19.37 -1.30
C GLU B 149 -0.66 18.93 -0.88
N VAL B 150 -0.07 19.59 0.11
CA VAL B 150 1.24 19.16 0.61
C VAL B 150 1.06 18.00 1.59
N SER B 151 -0.02 18.07 2.37
CA SER B 151 -0.25 17.13 3.47
C SER B 151 -1.24 15.99 3.23
N GLN B 152 -0.72 14.77 3.28
CA GLN B 152 -1.48 13.54 3.46
C GLN B 152 -0.70 12.89 4.59
N ARG B 153 -1.30 12.20 5.56
CA ARG B 153 -2.72 11.82 5.74
C ARG B 153 -3.00 10.44 5.15
N LYS B 154 -2.96 9.37 5.95
CA LYS B 154 -2.65 9.33 7.41
C LYS B 154 -3.60 8.35 8.12
N HIS B 155 -4.84 8.81 8.35
CA HIS B 155 -5.90 8.03 8.98
C HIS B 155 -5.45 7.40 10.31
N SER B 156 -5.26 8.28 11.30
CA SER B 156 -4.75 7.96 12.66
C SER B 156 -4.62 6.47 13.04
N GLY B 157 -5.72 5.84 13.46
CA GLY B 157 -5.69 4.42 13.84
C GLY B 157 -6.81 3.94 14.75
N ALA B 158 -8.06 4.17 14.34
CA ALA B 158 -9.21 3.77 15.13
C ALA B 158 -10.21 2.87 14.41
N PHE B 159 -10.19 1.58 14.76
CA PHE B 159 -11.21 0.64 14.30
C PHE B 159 -12.47 0.93 15.10
N LYS B 160 -13.61 0.82 14.45
CA LYS B 160 -14.90 0.98 15.10
C LYS B 160 -15.40 -0.37 15.57
N ASN B 161 -15.63 -0.51 16.87
CA ASN B 161 -16.19 -1.75 17.43
C ASN B 161 -17.62 -1.90 16.96
N ILE B 162 -18.05 -3.13 16.75
CA ILE B 162 -19.41 -3.38 16.27
C ILE B 162 -20.49 -2.87 17.24
N LYS B 163 -20.25 -3.07 18.54
CA LYS B 163 -21.15 -2.58 19.60
C LYS B 163 -21.54 -1.12 19.35
N ASP B 164 -20.55 -0.30 19.03
CA ASP B 164 -20.75 1.13 18.82
C ASP B 164 -21.55 1.44 17.56
N ILE B 165 -21.33 0.65 16.51
CA ILE B 165 -22.03 0.87 15.24
C ILE B 165 -23.48 0.39 15.36
N LEU B 166 -23.68 -0.69 16.10
CA LEU B 166 -25.02 -1.26 16.29
C LEU B 166 -26.03 -0.28 16.89
N VAL B 167 -25.62 0.43 17.95
CA VAL B 167 -26.47 1.44 18.59
C VAL B 167 -26.87 2.47 17.55
N GLN B 168 -25.88 2.94 16.79
CA GLN B 168 -26.09 3.93 15.75
C GLN B 168 -26.94 3.39 14.59
N THR B 169 -26.96 2.08 14.42
CA THR B 169 -27.74 1.43 13.36
C THR B 169 -29.18 1.21 13.82
N TYR B 170 -29.35 0.91 15.11
CA TYR B 170 -30.67 0.73 15.71
C TYR B 170 -31.40 2.07 15.79
N ASP B 171 -30.77 3.04 16.47
CA ASP B 171 -31.31 4.40 16.60
C ASP B 171 -31.51 5.05 15.24
N ASN B 172 -31.03 4.39 14.20
CA ASN B 172 -31.07 4.90 12.84
C ASN B 172 -32.29 4.44 12.03
N ILE B 173 -33.35 4.06 12.74
CA ILE B 173 -34.61 3.62 12.12
C ILE B 173 -35.79 4.15 12.94
N GLU B 174 -35.89 3.69 14.18
CA GLU B 174 -36.98 4.10 15.09
C GLU B 174 -36.82 5.53 15.62
N ILE B 183 -35.95 15.05 16.77
CA ILE B 183 -35.42 16.13 15.94
C ILE B 183 -34.26 16.82 16.69
N THR B 184 -33.07 16.26 16.53
CA THR B 184 -31.85 16.73 17.23
C THR B 184 -31.13 17.89 16.53
N GLY B 185 -31.41 18.10 15.24
CA GLY B 185 -30.80 19.18 14.45
C GLY B 185 -31.73 20.36 14.19
N ILE B 186 -31.57 21.00 13.03
CA ILE B 186 -32.41 22.16 12.66
C ILE B 186 -33.60 21.73 11.77
N PRO B 187 -34.84 22.01 12.24
CA PRO B 187 -36.09 21.61 11.56
C PRO B 187 -36.26 22.21 10.17
N THR B 188 -36.54 21.36 9.18
CA THR B 188 -36.67 21.78 7.79
C THR B 188 -38.04 22.38 7.45
N GLY B 189 -39.05 22.06 8.24
CA GLY B 189 -40.43 22.50 7.97
C GLY B 189 -41.21 21.41 7.25
N PHE B 190 -40.55 20.28 7.00
CA PHE B 190 -41.18 19.12 6.38
C PHE B 190 -40.99 17.93 7.31
N THR B 191 -42.07 17.56 8.01
CA THR B 191 -42.04 16.48 8.99
C THR B 191 -41.45 15.17 8.47
N GLU B 192 -41.84 14.77 7.25
CA GLU B 192 -41.37 13.52 6.67
C GLU B 192 -39.87 13.56 6.33
N LEU B 193 -39.36 14.75 6.01
CA LEU B 193 -37.93 14.93 5.74
C LEU B 193 -37.15 15.02 7.05
N ASP B 194 -37.78 15.59 8.08
CA ASP B 194 -37.19 15.65 9.42
C ASP B 194 -37.04 14.27 10.05
N ARG B 195 -37.80 13.30 9.53
CA ARG B 195 -37.72 11.92 10.01
C ARG B 195 -36.38 11.31 9.57
N MET B 196 -36.05 11.50 8.30
CA MET B 196 -34.84 10.94 7.70
C MET B 196 -33.54 11.62 8.11
N THR B 197 -33.64 12.81 8.69
CA THR B 197 -32.46 13.60 9.07
C THR B 197 -32.49 14.02 10.53
N SER B 198 -33.65 14.53 10.96
CA SER B 198 -33.94 14.95 12.35
C SER B 198 -33.01 15.96 13.05
N GLY B 199 -32.70 17.11 12.43
CA GLY B 199 -33.07 17.46 11.06
C GLY B 199 -31.76 17.71 10.35
N PHE B 200 -31.47 18.97 10.07
CA PHE B 200 -30.23 19.36 9.40
C PHE B 200 -29.12 19.65 10.43
N GLN B 201 -28.22 18.68 10.57
CA GLN B 201 -27.16 18.68 11.59
C GLN B 201 -25.99 19.63 11.30
N ARG B 202 -25.38 20.14 12.38
CA ARG B 202 -24.24 21.06 12.28
C ARG B 202 -23.04 20.42 11.59
N SER B 203 -22.31 21.23 10.83
CA SER B 203 -21.09 20.83 10.13
C SER B 203 -21.29 19.84 8.98
N ASP B 204 -22.56 19.60 8.62
CA ASP B 204 -22.89 18.73 7.48
C ASP B 204 -22.89 19.53 6.18
N LEU B 205 -22.38 18.93 5.12
CA LEU B 205 -22.45 19.49 3.78
C LEU B 205 -23.52 18.71 3.03
N ILE B 206 -24.62 19.38 2.72
CA ILE B 206 -25.78 18.76 2.09
C ILE B 206 -25.92 19.17 0.63
N ILE B 207 -25.82 18.18 -0.26
CA ILE B 207 -25.93 18.40 -1.70
C ILE B 207 -27.30 17.97 -2.23
N VAL B 208 -28.02 18.89 -2.85
CA VAL B 208 -29.33 18.61 -3.43
C VAL B 208 -29.28 18.77 -4.94
N ALA B 209 -29.21 17.64 -5.64
CA ALA B 209 -29.11 17.61 -7.10
C ALA B 209 -30.47 17.49 -7.79
N ALA B 210 -30.57 18.07 -8.99
CA ALA B 210 -31.81 18.06 -9.76
C ALA B 210 -31.66 18.45 -11.23
N ARG B 211 -32.71 18.16 -12.00
CA ARG B 211 -32.81 18.55 -13.41
C ARG B 211 -33.70 19.79 -13.56
N PRO B 212 -33.56 20.51 -14.70
CA PRO B 212 -34.42 21.65 -15.06
C PRO B 212 -35.89 21.53 -14.62
N SER B 213 -36.40 22.61 -14.02
CA SER B 213 -37.78 22.70 -13.54
C SER B 213 -38.26 21.52 -12.69
N VAL B 214 -38.05 21.64 -11.38
CA VAL B 214 -38.53 20.65 -10.43
C VAL B 214 -39.14 21.31 -9.16
N GLY B 215 -38.52 22.34 -8.58
CA GLY B 215 -37.28 22.98 -9.03
C GLY B 215 -36.34 23.21 -7.86
N LYS B 216 -35.04 23.08 -8.12
CA LYS B 216 -33.99 23.20 -7.10
C LYS B 216 -34.08 24.48 -6.26
N THR B 217 -34.25 25.62 -6.94
CA THR B 217 -34.30 26.94 -6.30
C THR B 217 -35.50 27.07 -5.37
N ALA B 218 -36.66 26.57 -5.81
CA ALA B 218 -37.88 26.58 -5.00
C ALA B 218 -37.68 25.79 -3.71
N PHE B 219 -37.07 24.60 -3.83
CA PHE B 219 -36.78 23.74 -2.70
C PHE B 219 -35.84 24.40 -1.69
N ALA B 220 -34.77 25.00 -2.20
CA ALA B 220 -33.79 25.71 -1.39
C ALA B 220 -34.45 26.85 -0.60
N LEU B 221 -35.24 27.66 -1.30
CA LEU B 221 -35.95 28.79 -0.68
C LEU B 221 -36.91 28.35 0.40
N ASN B 222 -37.69 27.31 0.12
CA ASN B 222 -38.66 26.79 1.08
C ASN B 222 -38.02 26.41 2.42
N ILE B 223 -36.92 25.68 2.35
CA ILE B 223 -36.19 25.28 3.55
C ILE B 223 -35.62 26.51 4.27
N ALA B 224 -35.05 27.43 3.51
CA ALA B 224 -34.54 28.70 4.05
C ALA B 224 -35.63 29.50 4.79
N GLN B 225 -36.86 29.44 4.27
CA GLN B 225 -38.01 30.10 4.91
C GLN B 225 -38.43 29.38 6.18
N ASN B 226 -38.75 28.09 6.03
CA ASN B 226 -39.25 27.25 7.11
C ASN B 226 -38.30 27.13 8.31
N VAL B 227 -37.02 27.36 8.08
CA VAL B 227 -36.04 27.39 9.14
C VAL B 227 -36.08 28.76 9.82
N ALA B 228 -36.01 29.81 9.00
CA ALA B 228 -35.92 31.21 9.47
C ALA B 228 -37.16 31.82 10.14
N THR B 229 -38.37 31.34 9.78
CA THR B 229 -39.61 31.89 10.36
C THR B 229 -40.18 31.05 11.50
N LYS B 230 -39.66 29.83 11.66
CA LYS B 230 -40.12 28.92 12.72
C LYS B 230 -39.09 28.74 13.84
N THR B 231 -37.82 28.96 13.51
CA THR B 231 -36.73 28.88 14.48
C THR B 231 -36.06 30.26 14.54
N ASN B 232 -35.40 30.54 15.65
CA ASN B 232 -34.65 31.80 15.78
C ASN B 232 -33.28 31.72 15.12
N GLU B 233 -33.13 30.79 14.17
CA GLU B 233 -31.88 30.61 13.44
C GLU B 233 -31.80 31.50 12.20
N ASN B 234 -30.61 32.04 11.96
CA ASN B 234 -30.37 32.90 10.81
C ASN B 234 -29.80 32.09 9.64
N VAL B 235 -30.44 32.20 8.47
CA VAL B 235 -29.93 31.52 7.27
C VAL B 235 -29.23 32.51 6.34
N ALA B 236 -28.15 32.05 5.74
CA ALA B 236 -27.38 32.83 4.79
C ALA B 236 -27.55 32.18 3.43
N ILE B 237 -28.26 32.85 2.53
CA ILE B 237 -28.52 32.31 1.20
C ILE B 237 -27.64 33.03 0.17
N PHE B 238 -27.06 32.25 -0.72
CA PHE B 238 -26.23 32.79 -1.78
C PHE B 238 -26.86 32.39 -3.12
N SER B 239 -27.56 33.31 -3.76
CA SER B 239 -28.15 33.03 -5.07
C SER B 239 -27.34 33.66 -6.18
N LEU B 240 -26.94 32.85 -7.15
CA LEU B 240 -26.07 33.29 -8.23
C LEU B 240 -26.81 33.50 -9.55
N GLU B 241 -28.03 32.98 -9.63
CA GLU B 241 -28.88 33.16 -10.82
C GLU B 241 -29.88 34.29 -10.67
N MET B 242 -30.76 34.19 -9.68
CA MET B 242 -31.76 35.26 -9.48
C MET B 242 -31.37 36.25 -8.38
N SER B 243 -31.77 37.50 -8.57
CA SER B 243 -31.47 38.57 -7.63
C SER B 243 -32.19 38.39 -6.30
N ALA B 244 -31.70 39.09 -5.27
CA ALA B 244 -32.32 39.10 -3.95
C ALA B 244 -33.80 39.52 -4.03
N GLN B 245 -34.09 40.44 -4.95
CA GLN B 245 -35.44 40.93 -5.20
C GLN B 245 -36.38 39.82 -5.69
N GLN B 246 -35.91 39.03 -6.65
CA GLN B 246 -36.68 37.94 -7.23
C GLN B 246 -36.85 36.81 -6.23
N LEU B 247 -35.81 36.62 -5.41
CA LEU B 247 -35.78 35.59 -4.39
C LEU B 247 -36.78 35.87 -3.29
N VAL B 248 -36.90 37.14 -2.89
CA VAL B 248 -37.86 37.53 -1.85
C VAL B 248 -39.29 37.51 -2.39
N MET B 249 -39.43 37.86 -3.66
CA MET B 249 -40.71 37.79 -4.38
C MET B 249 -41.30 36.39 -4.35
N ARG B 250 -40.46 35.39 -4.63
CA ARG B 250 -40.85 33.98 -4.58
C ARG B 250 -41.18 33.55 -3.14
N MET B 251 -40.40 34.03 -2.18
CA MET B 251 -40.61 33.66 -0.78
C MET B 251 -41.95 34.11 -0.19
N LEU B 252 -42.28 35.40 -0.34
CA LEU B 252 -43.58 35.87 0.18
C LEU B 252 -44.75 35.39 -0.66
N CYS B 253 -44.45 35.01 -1.89
CA CYS B 253 -45.43 34.42 -2.79
C CYS B 253 -45.83 33.04 -2.26
N ALA B 254 -44.87 32.29 -1.73
CA ALA B 254 -45.11 30.97 -1.15
C ALA B 254 -45.56 31.10 0.29
N GLU B 255 -44.95 32.03 1.01
CA GLU B 255 -45.27 32.29 2.42
C GLU B 255 -46.76 32.48 2.68
N GLY B 256 -47.39 33.32 1.85
CA GLY B 256 -48.81 33.65 2.03
C GLY B 256 -49.73 33.15 0.94
N ASN B 257 -49.31 32.12 0.19
CA ASN B 257 -50.12 31.56 -0.90
C ASN B 257 -50.67 32.62 -1.86
N ILE B 258 -49.78 33.45 -2.37
CA ILE B 258 -50.15 34.50 -3.31
C ILE B 258 -49.75 34.10 -4.72
N ASN B 259 -50.67 34.28 -5.66
CA ASN B 259 -50.41 33.95 -7.05
C ASN B 259 -49.38 34.91 -7.64
N ALA B 260 -48.25 34.36 -8.05
CA ALA B 260 -47.12 35.14 -8.58
C ALA B 260 -47.52 36.10 -9.70
N GLN B 261 -48.35 35.62 -10.62
CA GLN B 261 -48.81 36.41 -11.78
C GLN B 261 -49.44 37.74 -11.40
N ASN B 262 -50.01 37.81 -10.21
CA ASN B 262 -50.67 39.01 -9.72
C ASN B 262 -49.70 40.03 -9.13
N LEU B 263 -48.65 39.53 -8.49
CA LEU B 263 -47.59 40.39 -7.95
C LEU B 263 -46.83 41.04 -9.11
N ARG B 264 -46.51 40.23 -10.12
CA ARG B 264 -45.78 40.67 -11.30
C ARG B 264 -46.57 41.68 -12.13
N THR B 265 -47.80 41.30 -12.50
CA THR B 265 -48.66 42.14 -13.33
C THR B 265 -49.47 43.06 -12.46
N GLY B 266 -48.79 43.93 -11.71
CA GLY B 266 -49.41 44.91 -10.82
C GLY B 266 -50.65 44.49 -10.07
N LYS B 267 -51.79 44.51 -10.76
CA LYS B 267 -53.12 44.24 -10.20
C LYS B 267 -53.27 43.10 -9.16
N LEU B 268 -53.51 43.51 -7.92
CA LEU B 268 -53.71 42.61 -6.77
C LEU B 268 -55.14 42.75 -6.24
N THR B 269 -55.78 41.64 -5.97
CA THR B 269 -57.08 41.69 -5.40
C THR B 269 -56.91 41.88 -3.94
N PRO B 270 -57.96 42.25 -3.23
CA PRO B 270 -57.83 42.49 -1.80
C PRO B 270 -57.62 41.23 -0.98
N GLU B 271 -57.86 40.07 -1.54
CA GLU B 271 -57.40 38.87 -0.88
C GLU B 271 -55.89 38.84 -0.88
N ASP B 272 -55.29 39.38 -1.92
CA ASP B 272 -53.85 39.36 -2.11
C ASP B 272 -53.19 40.38 -1.24
N TRP B 273 -53.78 41.54 -1.13
CA TRP B 273 -53.24 42.59 -0.27
C TRP B 273 -53.14 42.17 1.19
N GLY B 274 -54.23 41.67 1.75
CA GLY B 274 -54.26 41.21 3.13
C GLY B 274 -53.37 39.99 3.27
N LYS B 275 -53.35 39.18 2.23
CA LYS B 275 -52.55 37.97 2.17
C LYS B 275 -51.06 38.33 2.07
N LEU B 276 -50.77 39.52 1.54
CA LEU B 276 -49.40 40.01 1.37
C LEU B 276 -48.86 40.64 2.65
N THR B 277 -49.62 41.56 3.23
CA THR B 277 -49.25 42.24 4.47
C THR B 277 -48.98 41.21 5.57
N MET B 278 -49.64 40.06 5.44
CA MET B 278 -49.48 38.94 6.34
C MET B 278 -48.13 38.26 6.11
N ALA B 279 -47.83 38.00 4.84
CA ALA B 279 -46.64 37.28 4.44
C ALA B 279 -45.34 38.05 4.73
N MET B 280 -45.36 39.38 4.65
CA MET B 280 -44.12 40.13 4.86
C MET B 280 -43.91 40.60 6.29
N GLY B 281 -44.99 40.59 7.07
CA GLY B 281 -44.87 40.83 8.51
C GLY B 281 -44.22 39.58 9.06
N SER B 282 -44.74 38.43 8.60
CA SER B 282 -44.27 37.11 8.97
C SER B 282 -42.82 36.86 8.52
N LEU B 283 -42.44 37.50 7.43
CA LEU B 283 -41.13 37.30 6.82
C LEU B 283 -40.13 38.33 7.33
N SER B 284 -40.64 39.39 7.94
CA SER B 284 -39.81 40.44 8.50
C SER B 284 -39.13 39.98 9.79
N ASN B 285 -39.78 39.05 10.50
CA ASN B 285 -39.26 38.47 11.74
C ASN B 285 -38.03 37.58 11.54
N ALA B 286 -37.93 36.97 10.35
CA ALA B 286 -36.73 36.23 9.96
C ALA B 286 -35.64 37.28 9.67
N GLY B 287 -34.36 36.93 9.72
CA GLY B 287 -33.86 35.59 9.94
C GLY B 287 -33.20 35.16 8.64
N ILE B 288 -33.26 36.04 7.64
CA ILE B 288 -32.78 35.77 6.29
C ILE B 288 -31.75 36.79 5.80
N TYR B 289 -30.58 36.27 5.39
CA TYR B 289 -29.46 37.09 4.89
C TYR B 289 -29.09 36.63 3.48
N ILE B 290 -29.33 37.50 2.50
CA ILE B 290 -29.13 37.14 1.10
C ILE B 290 -27.93 37.83 0.49
N ASP B 291 -27.27 37.11 -0.43
CA ASP B 291 -26.16 37.62 -1.21
C ASP B 291 -26.36 37.15 -2.65
N ASP B 292 -26.67 38.08 -3.55
CA ASP B 292 -26.94 37.75 -4.95
C ASP B 292 -25.86 38.20 -5.93
N THR B 293 -24.61 38.26 -5.46
CA THR B 293 -23.48 38.63 -6.30
C THR B 293 -23.15 37.48 -7.26
N PRO B 294 -23.26 37.74 -8.59
CA PRO B 294 -23.10 36.76 -9.66
C PRO B 294 -22.09 35.64 -9.40
N SER B 295 -20.83 35.84 -9.74
CA SER B 295 -19.82 34.80 -9.55
C SER B 295 -19.07 35.04 -8.25
N ILE B 296 -19.37 34.20 -7.26
CA ILE B 296 -18.75 34.32 -5.94
C ILE B 296 -17.73 33.19 -5.73
N ARG B 297 -16.72 33.45 -4.92
CA ARG B 297 -15.72 32.43 -4.60
C ARG B 297 -16.08 31.86 -3.23
N VAL B 298 -15.67 30.62 -2.97
CA VAL B 298 -15.97 29.94 -1.70
C VAL B 298 -15.44 30.73 -0.50
N SER B 299 -14.26 31.31 -0.66
CA SER B 299 -13.64 32.13 0.40
C SER B 299 -14.45 33.40 0.69
N ASP B 300 -15.02 34.01 -0.35
CA ASP B 300 -15.89 35.18 -0.19
C ASP B 300 -17.14 34.79 0.61
N ILE B 301 -17.55 33.53 0.45
CA ILE B 301 -18.65 32.98 1.22
C ILE B 301 -18.23 32.97 2.69
N ARG B 302 -17.02 32.46 2.95
CA ARG B 302 -16.50 32.35 4.32
C ARG B 302 -16.40 33.69 5.02
N ALA B 303 -15.83 34.67 4.35
CA ALA B 303 -15.64 36.01 4.91
C ALA B 303 -16.97 36.61 5.39
N LYS B 304 -17.97 36.57 4.53
CA LYS B 304 -19.30 37.10 4.83
C LYS B 304 -20.01 36.29 5.90
N CYS B 305 -19.83 34.97 5.88
CA CYS B 305 -20.45 34.08 6.88
C CYS B 305 -19.79 34.17 8.26
N ARG B 306 -18.46 34.29 8.29
CA ARG B 306 -17.73 34.44 9.55
C ARG B 306 -18.09 35.78 10.22
N ARG B 307 -18.14 36.85 9.42
CA ARG B 307 -18.49 38.19 9.92
C ARG B 307 -19.95 38.25 10.36
N LEU B 308 -20.80 37.40 9.79
CA LEU B 308 -22.21 37.35 10.14
C LEU B 308 -22.43 36.63 11.48
N LYS B 309 -21.83 35.44 11.63
CA LYS B 309 -21.94 34.68 12.87
C LYS B 309 -21.43 35.51 14.05
N GLN B 310 -20.21 36.02 13.91
CA GLN B 310 -19.55 36.80 14.97
C GLN B 310 -20.29 38.10 15.35
N GLU B 311 -21.15 38.58 14.45
CA GLU B 311 -21.93 39.79 14.74
C GLU B 311 -23.40 39.52 15.05
N SER B 312 -24.00 38.56 14.36
CA SER B 312 -25.40 38.21 14.60
C SER B 312 -25.55 36.83 15.23
N GLY B 313 -25.23 35.77 14.48
CA GLY B 313 -25.33 34.41 15.05
C GLY B 313 -25.31 33.22 14.13
N LEU B 314 -26.39 33.06 13.35
CA LEU B 314 -26.64 31.85 12.53
C LEU B 314 -26.61 30.50 13.32
N GLY B 315 -26.73 29.36 12.63
CA GLY B 315 -26.88 29.35 11.17
C GLY B 315 -27.24 28.10 10.40
N MET B 316 -27.49 28.37 9.13
CA MET B 316 -27.65 27.40 8.07
C MET B 316 -27.16 28.19 6.85
N ILE B 317 -26.50 27.53 5.91
CA ILE B 317 -26.02 28.20 4.71
C ILE B 317 -26.64 27.53 3.49
N VAL B 318 -27.35 28.31 2.68
CA VAL B 318 -27.98 27.78 1.47
C VAL B 318 -27.29 28.36 0.24
N ILE B 319 -26.84 27.48 -0.65
CA ILE B 319 -26.15 27.89 -1.89
C ILE B 319 -26.89 27.39 -3.12
N ASP B 320 -27.16 28.31 -4.03
CA ASP B 320 -27.87 28.04 -5.27
C ASP B 320 -27.13 28.69 -6.44
N TYR B 321 -26.36 27.92 -7.22
CA TYR B 321 -26.06 26.51 -6.98
C TYR B 321 -24.54 26.38 -7.09
N LEU B 322 -23.99 25.17 -7.10
CA LEU B 322 -22.53 25.08 -6.99
C LEU B 322 -21.67 25.14 -8.26
N GLN B 323 -22.25 24.87 -9.43
CA GLN B 323 -21.49 24.99 -10.69
C GLN B 323 -21.42 26.41 -11.26
N LEU B 324 -21.71 27.41 -10.44
CA LEU B 324 -21.57 28.82 -10.83
C LEU B 324 -20.45 29.51 -10.04
N ILE B 325 -19.90 28.78 -9.07
CA ILE B 325 -18.79 29.24 -8.23
C ILE B 325 -17.48 29.07 -9.02
N GLU B 338 -12.53 20.63 -11.03
CA GLU B 338 -12.48 21.91 -10.33
C GLU B 338 -13.58 22.01 -9.27
N VAL B 339 -14.64 21.23 -9.48
CA VAL B 339 -15.78 21.18 -8.55
C VAL B 339 -15.36 20.51 -7.25
N SER B 340 -14.38 19.60 -7.35
CA SER B 340 -13.83 18.89 -6.21
C SER B 340 -13.27 19.84 -5.14
N GLU B 341 -12.48 20.81 -5.57
CA GLU B 341 -11.91 21.83 -4.66
C GLU B 341 -13.03 22.58 -3.95
N ILE B 342 -13.93 23.16 -4.75
CA ILE B 342 -15.08 23.89 -4.22
C ILE B 342 -15.81 23.04 -3.18
N SER B 343 -16.11 21.80 -3.55
CA SER B 343 -16.82 20.90 -2.67
C SER B 343 -16.09 20.69 -1.35
N ARG B 344 -14.80 20.36 -1.44
CA ARG B 344 -13.96 20.15 -0.26
C ARG B 344 -13.89 21.42 0.61
N SER B 345 -13.75 22.56 -0.06
CA SER B 345 -13.67 23.86 0.61
C SER B 345 -14.98 24.22 1.30
N LEU B 346 -16.08 23.70 0.79
CA LEU B 346 -17.41 23.91 1.39
C LEU B 346 -17.54 23.08 2.66
N LYS B 347 -16.98 21.88 2.67
CA LYS B 347 -17.01 21.02 3.84
C LYS B 347 -16.23 21.64 5.01
N ALA B 348 -15.10 22.27 4.68
CA ALA B 348 -14.26 22.98 5.68
C ALA B 348 -15.02 24.15 6.30
N LEU B 349 -15.77 24.89 5.47
CA LEU B 349 -16.59 26.02 5.91
C LEU B 349 -17.72 25.57 6.85
N ALA B 350 -18.35 24.45 6.52
CA ALA B 350 -19.40 23.87 7.34
C ALA B 350 -18.87 23.47 8.71
N ARG B 351 -17.73 22.78 8.70
CA ARG B 351 -17.05 22.30 9.91
C ARG B 351 -16.45 23.45 10.72
N GLU B 352 -16.11 24.55 10.04
CA GLU B 352 -15.55 25.71 10.71
C GLU B 352 -16.60 26.51 11.47
N LEU B 353 -17.75 26.75 10.83
CA LEU B 353 -18.81 27.53 11.46
C LEU B 353 -19.80 26.70 12.28
N GLU B 354 -19.54 25.39 12.37
CA GLU B 354 -20.40 24.45 13.13
C GLU B 354 -21.87 24.64 12.74
N VAL B 355 -22.10 24.65 11.43
CA VAL B 355 -23.40 24.96 10.86
C VAL B 355 -23.64 24.14 9.57
N PRO B 356 -24.90 23.71 9.34
CA PRO B 356 -25.20 22.93 8.14
C PRO B 356 -25.12 23.79 6.88
N VAL B 357 -24.60 23.20 5.80
CA VAL B 357 -24.46 23.90 4.53
C VAL B 357 -25.15 23.09 3.42
N ILE B 358 -26.21 23.66 2.85
CA ILE B 358 -26.90 23.00 1.75
C ILE B 358 -26.52 23.64 0.42
N ALA B 359 -25.89 22.83 -0.44
CA ALA B 359 -25.46 23.30 -1.75
C ALA B 359 -26.23 22.55 -2.83
N LEU B 360 -26.90 23.29 -3.70
CA LEU B 360 -27.63 22.68 -4.81
C LEU B 360 -26.69 22.34 -5.95
N SER B 361 -27.09 21.38 -6.78
CA SER B 361 -26.34 21.05 -7.98
C SER B 361 -27.28 20.67 -9.13
N GLN B 362 -26.79 20.84 -10.36
CA GLN B 362 -27.56 20.51 -11.54
C GLN B 362 -27.01 19.20 -12.07
N LEU B 363 -27.88 18.32 -12.58
CA LEU B 363 -27.45 17.01 -13.06
C LEU B 363 -27.06 16.98 -14.55
N ASP B 389 -16.69 13.00 0.42
CA ASP B 389 -16.49 14.43 0.66
C ASP B 389 -17.80 15.10 1.06
N ALA B 390 -18.90 14.68 0.43
CA ALA B 390 -20.23 15.18 0.75
C ALA B 390 -20.78 14.41 1.95
N ASP B 391 -21.48 15.11 2.83
CA ASP B 391 -22.04 14.52 4.05
C ASP B 391 -23.39 13.86 3.77
N ILE B 392 -24.29 14.60 3.12
CA ILE B 392 -25.60 14.10 2.73
C ILE B 392 -25.83 14.44 1.26
N VAL B 393 -26.25 13.43 0.49
CA VAL B 393 -26.56 13.62 -0.94
C VAL B 393 -28.04 13.34 -1.15
N ALA B 394 -28.76 14.31 -1.73
CA ALA B 394 -30.20 14.19 -1.93
C ALA B 394 -30.66 14.64 -3.31
N PHE B 395 -31.05 13.69 -4.14
CA PHE B 395 -31.58 13.99 -5.47
C PHE B 395 -33.06 14.34 -5.37
N LEU B 396 -33.64 14.83 -6.46
CA LEU B 396 -35.06 15.21 -6.49
C LEU B 396 -35.84 14.49 -7.59
N ILE B 411 -46.56 15.94 -7.08
CA ILE B 411 -45.97 14.95 -6.17
C ILE B 411 -44.54 14.64 -6.62
N ILE B 412 -43.57 15.15 -5.87
CA ILE B 412 -42.15 14.99 -6.20
C ILE B 412 -41.41 14.15 -5.16
N GLU B 413 -40.45 13.36 -5.63
CA GLU B 413 -39.72 12.42 -4.80
C GLU B 413 -38.32 12.89 -4.44
N ILE B 414 -38.01 12.88 -3.14
CA ILE B 414 -36.68 13.22 -2.65
C ILE B 414 -35.90 11.94 -2.31
N ILE B 415 -35.03 11.54 -3.22
CA ILE B 415 -34.21 10.35 -3.05
C ILE B 415 -32.91 10.75 -2.37
N ILE B 416 -32.53 10.03 -1.31
CA ILE B 416 -31.24 10.29 -0.67
C ILE B 416 -30.28 9.13 -0.93
N ALA B 417 -29.08 9.46 -1.38
CA ALA B 417 -28.08 8.45 -1.73
C ALA B 417 -26.98 8.29 -0.69
N LYS B 418 -26.75 9.33 0.11
CA LYS B 418 -25.68 9.31 1.09
C LYS B 418 -26.04 10.08 2.36
N GLN B 419 -25.76 9.47 3.50
CA GLN B 419 -25.93 10.10 4.81
C GLN B 419 -24.97 9.44 5.80
N ARG B 420 -24.08 10.24 6.37
CA ARG B 420 -23.03 9.77 7.29
C ARG B 420 -23.52 9.01 8.53
N ASN B 421 -24.60 9.49 9.13
CA ASN B 421 -25.16 8.86 10.33
C ASN B 421 -26.62 8.42 10.20
N GLY B 422 -27.40 9.14 9.38
CA GLY B 422 -28.83 8.87 9.23
C GLY B 422 -29.24 7.73 8.32
N PRO B 423 -30.56 7.47 8.22
CA PRO B 423 -31.12 6.38 7.41
C PRO B 423 -31.21 6.74 5.94
N VAL B 424 -30.80 5.82 5.08
CA VAL B 424 -30.83 6.05 3.64
C VAL B 424 -32.14 5.53 3.07
N GLY B 425 -32.99 6.46 2.62
CA GLY B 425 -34.29 6.10 2.06
C GLY B 425 -34.86 7.16 1.15
N THR B 426 -36.19 7.12 0.98
CA THR B 426 -36.87 8.05 0.10
C THR B 426 -38.08 8.71 0.77
N VAL B 427 -38.17 10.02 0.59
CA VAL B 427 -39.28 10.83 1.11
C VAL B 427 -40.09 11.33 -0.09
N GLN B 428 -41.32 11.79 0.18
CA GLN B 428 -42.20 12.28 -0.87
C GLN B 428 -42.94 13.56 -0.46
N LEU B 429 -42.86 14.58 -1.32
CA LEU B 429 -43.51 15.87 -1.07
C LEU B 429 -44.32 16.35 -2.27
N ALA B 430 -45.31 17.20 -2.00
CA ALA B 430 -46.14 17.81 -3.06
C ALA B 430 -45.56 19.16 -3.48
N PHE B 431 -45.99 19.64 -4.65
CA PHE B 431 -45.50 20.92 -5.16
C PHE B 431 -46.62 21.67 -5.89
N ILE B 432 -46.92 22.86 -5.39
CA ILE B 432 -47.92 23.70 -6.03
C ILE B 432 -47.19 24.61 -7.01
N LYS B 433 -47.57 24.49 -8.29
CA LYS B 433 -46.93 25.21 -9.39
C LYS B 433 -47.10 26.73 -9.27
N GLU B 434 -48.30 27.17 -8.92
CA GLU B 434 -48.63 28.61 -8.88
C GLU B 434 -48.02 29.41 -7.72
N TYR B 435 -47.60 28.74 -6.65
CA TYR B 435 -46.97 29.41 -5.51
C TYR B 435 -45.48 29.09 -5.35
N ASN B 436 -44.97 28.17 -6.17
CA ASN B 436 -43.58 27.68 -6.08
C ASN B 436 -43.26 27.14 -4.68
N LYS B 437 -44.22 26.42 -4.12
CA LYS B 437 -44.14 25.93 -2.75
C LYS B 437 -44.20 24.41 -2.68
N PHE B 438 -43.42 23.85 -1.76
CA PHE B 438 -43.47 22.42 -1.45
C PHE B 438 -44.23 22.28 -0.14
N VAL B 439 -45.10 21.27 -0.07
CA VAL B 439 -45.95 21.03 1.10
C VAL B 439 -45.95 19.54 1.45
N ASN B 440 -46.35 19.21 2.68
CA ASN B 440 -46.47 17.83 3.14
C ASN B 440 -47.67 17.12 2.53
N LEU B 441 -47.77 15.81 2.74
CA LEU B 441 -48.86 15.00 2.21
C LEU B 441 -50.04 14.88 3.17
N LYS C 1 33.87 8.18 3.35
CA LYS C 1 33.65 6.71 3.23
C LYS C 1 32.74 6.20 4.37
N LEU C 2 31.93 5.20 4.07
CA LEU C 2 31.05 4.60 5.08
C LEU C 2 31.80 3.62 5.96
N LEU C 3 31.38 3.53 7.21
CA LEU C 3 31.99 2.65 8.18
C LEU C 3 31.48 1.21 8.03
N PRO C 4 32.31 0.21 8.42
CA PRO C 4 31.88 -1.19 8.35
C PRO C 4 30.77 -1.47 9.36
N ALA C 5 29.96 -2.49 9.09
CA ALA C 5 28.82 -2.84 9.94
C ALA C 5 29.18 -3.03 11.42
N PHE C 6 30.23 -3.81 11.70
CA PHE C 6 30.60 -4.06 13.09
C PHE C 6 30.87 -2.75 13.83
N GLN C 7 31.51 -1.80 13.13
CA GLN C 7 31.83 -0.51 13.73
C GLN C 7 30.58 0.33 13.94
N ASN C 8 29.71 0.42 12.91
CA ASN C 8 28.42 1.07 13.07
C ASN C 8 27.64 0.44 14.21
N ALA C 9 27.69 -0.88 14.28
CA ALA C 9 26.98 -1.63 15.33
C ALA C 9 27.46 -1.24 16.73
N GLU C 10 28.77 -0.99 16.88
CA GLU C 10 29.33 -0.60 18.17
C GLU C 10 28.94 0.82 18.53
N ARG C 11 29.04 1.71 17.54
CA ARG C 11 28.71 3.11 17.72
C ARG C 11 27.25 3.27 18.13
N LEU C 12 26.35 2.66 17.36
CA LEU C 12 24.90 2.73 17.64
C LEU C 12 24.56 2.19 19.03
N LEU C 13 25.22 1.10 19.38
CA LEU C 13 25.04 0.44 20.64
C LEU C 13 25.44 1.41 21.74
N LEU C 14 26.62 2.01 21.59
CA LEU C 14 27.13 3.04 22.49
C LEU C 14 26.17 4.22 22.60
N ALA C 15 25.69 4.68 21.44
CA ALA C 15 24.74 5.80 21.38
C ALA C 15 23.48 5.50 22.18
N HIS C 16 23.04 4.25 22.12
CA HIS C 16 21.86 3.83 22.86
C HIS C 16 22.12 3.68 24.36
N MSE C 17 23.22 3.02 24.73
CA MSE C 17 23.53 2.80 26.14
C MSE C 17 23.90 4.06 26.92
O MSE C 17 23.87 4.09 28.15
CB MSE C 17 24.57 1.68 26.33
CG MSE C 17 25.86 1.85 25.57
SE MSE C 17 26.81 0.16 25.32
CE MSE C 17 27.24 -0.22 27.19
N MSE C 18 24.20 5.13 26.18
CA MSE C 18 24.54 6.43 26.73
C MSE C 18 23.26 7.17 27.17
O MSE C 18 23.31 8.09 27.99
CB MSE C 18 25.27 7.22 25.66
CG MSE C 18 26.10 8.40 26.11
SE MSE C 18 27.57 8.68 24.83
CE MSE C 18 26.61 8.50 23.17
N ARG C 19 22.12 6.74 26.62
CA ARG C 19 20.80 7.33 26.89
C ARG C 19 19.81 6.36 27.53
N SER C 20 20.25 5.14 27.79
CA SER C 20 19.41 4.12 28.39
C SER C 20 20.28 3.18 29.21
N ARG C 21 20.00 3.13 30.51
CA ARG C 21 20.75 2.26 31.41
C ARG C 21 20.16 0.87 31.35
N ASP C 22 18.96 0.80 30.79
CA ASP C 22 18.23 -0.43 30.57
C ASP C 22 19.01 -1.24 29.53
N VAL C 23 19.52 -0.54 28.51
CA VAL C 23 20.31 -1.15 27.43
C VAL C 23 21.77 -1.33 27.84
N ALA C 24 22.28 -0.42 28.66
CA ALA C 24 23.65 -0.51 29.16
C ALA C 24 23.89 -1.81 29.94
N LEU C 25 22.90 -2.21 30.73
CA LEU C 25 22.99 -3.44 31.52
C LEU C 25 22.95 -4.69 30.65
N VAL C 26 22.15 -4.64 29.58
CA VAL C 26 22.03 -5.78 28.66
C VAL C 26 23.36 -6.00 27.92
N VAL C 27 23.97 -4.90 27.50
CA VAL C 27 25.26 -4.96 26.81
C VAL C 27 26.38 -5.42 27.73
N GLN C 28 26.28 -5.12 29.02
CA GLN C 28 27.34 -5.54 29.96
C GLN C 28 27.47 -7.07 30.09
N GLU C 29 26.33 -7.76 30.16
CA GLU C 29 26.34 -9.23 30.23
C GLU C 29 26.66 -9.89 28.88
N ARG C 30 26.00 -9.42 27.83
CA ARG C 30 26.12 -10.00 26.49
C ARG C 30 27.45 -9.70 25.80
N ILE C 31 28.00 -8.53 26.09
CA ILE C 31 29.29 -8.06 25.55
C ILE C 31 30.16 -7.64 26.74
N GLY C 32 31.46 -7.95 26.70
CA GLY C 32 32.37 -7.56 27.78
C GLY C 32 32.21 -6.10 28.21
N GLY C 33 32.72 -5.16 27.42
CA GLY C 33 33.40 -5.46 26.16
C GLY C 33 34.87 -5.78 26.37
N ARG C 34 35.48 -6.59 25.49
CA ARG C 34 34.88 -7.24 24.30
C ARG C 34 34.45 -6.37 23.12
N PHE C 35 34.44 -5.05 23.29
CA PHE C 35 34.25 -4.17 22.15
C PHE C 35 35.51 -4.30 21.31
N ASN C 36 35.37 -4.16 20.00
CA ASN C 36 36.50 -4.40 19.11
C ASN C 36 37.47 -3.24 18.98
N ILE C 37 36.95 -2.02 19.07
CA ILE C 37 37.77 -0.82 18.95
C ILE C 37 38.11 -0.28 20.34
N GLU C 38 39.39 0.01 20.57
CA GLU C 38 39.89 0.51 21.87
C GLU C 38 39.05 1.62 22.48
N GLU C 39 38.87 2.71 21.73
CA GLU C 39 38.07 3.84 22.18
C GLU C 39 36.69 3.38 22.63
N HIS C 40 36.11 2.41 21.90
CA HIS C 40 34.81 1.90 22.27
C HIS C 40 34.85 1.12 23.58
N ARG C 41 35.91 0.35 23.80
CA ARG C 41 36.09 -0.37 25.07
C ARG C 41 36.28 0.62 26.21
N ALA C 42 36.99 1.71 25.92
CA ALA C 42 37.23 2.78 26.89
C ALA C 42 35.91 3.44 27.28
N LEU C 43 35.12 3.89 26.30
CA LEU C 43 33.81 4.45 26.59
C LEU C 43 32.92 3.48 27.34
N ALA C 44 32.90 2.23 26.87
CA ALA C 44 32.13 1.16 27.51
C ALA C 44 32.38 1.14 29.00
N ALA C 45 33.66 1.09 29.38
CA ALA C 45 34.07 1.09 30.77
C ALA C 45 33.47 2.28 31.54
N TYR C 46 33.56 3.48 30.96
CA TYR C 46 33.00 4.68 31.58
C TYR C 46 31.48 4.68 31.65
N ILE C 47 30.84 4.01 30.70
CA ILE C 47 29.39 3.90 30.68
C ILE C 47 28.95 2.90 31.74
N TYR C 48 29.66 1.77 31.83
CA TYR C 48 29.34 0.75 32.83
C TYR C 48 29.42 1.32 34.25
N ALA C 49 30.48 2.08 34.51
CA ALA C 49 30.73 2.69 35.82
C ALA C 49 29.65 3.68 36.21
N PHE C 50 29.07 4.35 35.22
CA PHE C 50 28.02 5.35 35.42
C PHE C 50 26.84 4.79 36.22
N TYR C 51 26.44 3.55 35.94
CA TYR C 51 25.35 2.93 36.69
C TYR C 51 25.83 2.23 37.95
N GLU C 52 27.01 1.60 37.88
CA GLU C 52 27.62 0.94 39.04
C GLU C 52 28.08 1.96 40.09
N GLU C 53 27.45 3.13 40.06
CA GLU C 53 27.64 4.18 41.04
C GLU C 53 26.27 4.72 41.43
N GLY C 54 25.34 4.68 40.47
CA GLY C 54 23.98 5.14 40.71
C GLY C 54 23.38 5.86 39.52
N HIS C 55 24.08 6.91 39.07
CA HIS C 55 23.63 7.78 37.98
C HIS C 55 22.83 7.08 36.88
N GLU C 56 21.72 7.72 36.48
CA GLU C 56 20.87 7.19 35.42
C GLU C 56 20.98 7.99 34.13
N ALA C 57 20.18 7.59 33.12
CA ALA C 57 20.19 8.17 31.77
C ALA C 57 20.39 9.70 31.73
N ASP C 58 21.62 10.10 31.45
CA ASP C 58 22.01 11.51 31.35
C ASP C 58 23.34 11.67 30.61
N PRO C 59 23.28 11.84 29.27
CA PRO C 59 24.49 12.03 28.46
C PRO C 59 25.22 13.35 28.75
N GLY C 60 24.57 14.24 29.49
CA GLY C 60 25.19 15.51 29.89
C GLY C 60 26.28 15.30 30.92
N ALA C 61 25.94 14.61 32.01
CA ALA C 61 26.86 14.35 33.12
C ALA C 61 27.97 13.35 32.79
N LEU C 62 27.72 12.48 31.80
CA LEU C 62 28.70 11.48 31.40
C LEU C 62 29.89 12.13 30.70
N ILE C 63 29.60 13.01 29.75
CA ILE C 63 30.64 13.72 28.98
C ILE C 63 31.48 14.69 29.83
N SER C 64 31.32 14.64 31.16
CA SER C 64 32.08 15.52 32.06
C SER C 64 33.04 14.80 33.01
N ARG C 65 32.91 13.48 33.12
CA ARG C 65 33.79 12.67 33.99
C ARG C 65 34.75 11.82 33.15
N ILE C 66 34.40 11.75 31.86
CA ILE C 66 35.19 11.10 30.80
C ILE C 66 36.50 11.88 30.57
N PRO C 67 37.65 11.18 30.47
CA PRO C 67 38.99 11.79 30.48
C PRO C 67 39.39 12.75 29.36
N GLY C 68 38.43 13.46 28.77
CA GLY C 68 38.73 14.51 27.79
C GLY C 68 39.17 14.06 26.42
N GLU C 69 40.02 13.03 26.38
CA GLU C 69 40.50 12.48 25.11
C GLU C 69 39.39 11.70 24.41
N LEU C 70 38.49 11.12 25.21
CA LEU C 70 37.36 10.37 24.69
C LEU C 70 36.16 11.27 24.44
N GLN C 71 36.10 12.38 25.17
CA GLN C 71 35.02 13.35 25.03
C GLN C 71 34.55 13.60 23.59
N PRO C 72 35.48 13.93 22.65
CA PRO C 72 35.06 14.11 21.26
C PRO C 72 34.24 12.96 20.69
N LEU C 73 34.59 11.72 21.03
CA LEU C 73 33.84 10.56 20.53
C LEU C 73 32.46 10.43 21.17
N ALA C 74 32.39 10.56 22.50
CA ALA C 74 31.15 10.47 23.24
C ALA C 74 30.20 11.57 22.79
N SER C 75 30.76 12.76 22.58
CA SER C 75 30.03 13.89 22.06
C SER C 75 29.37 13.52 20.73
N GLU C 76 30.19 13.04 19.80
CA GLU C 76 29.71 12.68 18.46
C GLU C 76 28.58 11.66 18.49
N LEU C 77 28.77 10.60 19.28
CA LEU C 77 27.80 9.52 19.39
C LEU C 77 26.47 9.92 20.04
N SER C 78 26.52 10.88 20.95
CA SER C 78 25.31 11.35 21.64
C SER C 78 24.42 12.18 20.74
N LEU C 79 24.81 12.34 19.48
CA LEU C 79 24.04 13.11 18.52
C LEU C 79 23.63 12.26 17.33
N LEU C 80 24.22 11.06 17.26
CA LEU C 80 23.96 10.12 16.19
C LEU C 80 22.45 9.88 16.07
N LEU C 81 22.00 9.67 14.83
CA LEU C 81 20.57 9.51 14.54
C LEU C 81 20.01 8.20 15.11
N ILE C 82 19.42 8.29 16.31
CA ILE C 82 18.84 7.12 16.96
C ILE C 82 17.43 7.38 17.49
N ALA C 83 16.55 6.39 17.32
CA ALA C 83 15.24 6.42 17.93
C ALA C 83 15.48 5.78 19.28
N ASP C 84 15.30 6.53 20.37
CA ASP C 84 15.64 5.99 21.69
C ASP C 84 14.62 4.99 22.23
N ASP C 85 14.55 3.85 21.55
CA ASP C 85 13.75 2.69 21.91
C ASP C 85 14.19 1.61 20.94
N VAL C 86 15.23 0.87 21.34
CA VAL C 86 15.82 -0.17 20.50
C VAL C 86 14.93 -1.40 20.40
N SER C 87 14.84 -1.97 19.22
CA SER C 87 14.04 -3.17 19.00
C SER C 87 14.76 -4.42 19.50
N GLU C 88 13.98 -5.45 19.81
CA GLU C 88 14.51 -6.74 20.22
C GLU C 88 15.53 -7.31 19.20
N GLN C 89 15.16 -7.29 17.91
CA GLN C 89 16.04 -7.81 16.86
C GLN C 89 17.30 -6.96 16.66
N GLU C 90 17.17 -5.64 16.80
CA GLU C 90 18.29 -4.72 16.63
C GLU C 90 19.48 -5.06 17.53
N LEU C 91 19.21 -5.29 18.81
CA LEU C 91 20.26 -5.65 19.74
C LEU C 91 20.93 -6.94 19.33
N GLU C 92 20.11 -7.95 19.02
CA GLU C 92 20.63 -9.23 18.57
C GLU C 92 21.56 -9.02 17.38
N ASP C 93 21.12 -8.19 16.44
CA ASP C 93 21.89 -7.88 15.26
C ASP C 93 23.18 -7.15 15.58
N TYR C 94 23.08 -6.05 16.35
CA TYR C 94 24.26 -5.28 16.75
C TYR C 94 25.27 -6.13 17.53
N ILE C 95 24.81 -6.75 18.62
CA ILE C 95 25.65 -7.60 19.47
C ILE C 95 26.33 -8.70 18.66
N ARG C 96 25.60 -9.28 17.71
CA ARG C 96 26.12 -10.36 16.88
C ARG C 96 27.25 -9.87 15.99
N HIS C 97 27.15 -8.64 15.50
CA HIS C 97 28.22 -8.06 14.69
C HIS C 97 29.47 -7.79 15.54
N VAL C 98 29.28 -7.46 16.82
CA VAL C 98 30.39 -7.20 17.71
C VAL C 98 31.04 -8.50 18.18
N LEU C 99 30.22 -9.47 18.56
CA LEU C 99 30.70 -10.74 19.09
C LEU C 99 31.48 -11.62 18.12
N ASN C 100 31.10 -11.62 16.85
CA ASN C 100 31.82 -12.45 15.90
C ASN C 100 32.70 -11.68 14.94
N ARG C 101 33.05 -10.46 15.34
CA ARG C 101 34.09 -9.69 14.66
C ARG C 101 35.46 -10.38 14.86
N PRO C 102 35.81 -10.75 16.13
CA PRO C 102 37.08 -11.43 16.33
C PRO C 102 37.19 -12.67 15.47
N LYS C 103 36.04 -13.29 15.19
CA LYS C 103 35.97 -14.52 14.40
C LYS C 103 36.30 -14.29 12.93
N TRP C 104 35.93 -13.13 12.39
CA TRP C 104 36.27 -12.77 11.02
C TRP C 104 37.77 -12.52 10.91
N LEU C 105 38.35 -11.98 11.98
CA LEU C 105 39.77 -11.72 12.06
C LEU C 105 40.59 -13.01 12.13
N MSE C 106 39.99 -14.07 12.66
CA MSE C 106 40.62 -15.39 12.70
C MSE C 106 40.87 -15.90 11.29
O MSE C 106 41.86 -16.59 11.05
CB MSE C 106 39.77 -16.39 13.49
CG MSE C 106 39.82 -16.24 15.00
SE MSE C 106 41.64 -16.21 15.74
CE MSE C 106 41.99 -14.27 15.79
N LEU C 107 39.99 -15.55 10.36
CA LEU C 107 40.11 -15.95 8.96
C LEU C 107 41.44 -15.54 8.35
N LYS C 108 41.87 -14.31 8.61
CA LYS C 108 43.07 -13.77 7.97
C LYS C 108 44.36 -14.54 8.27
N VAL C 109 44.33 -15.32 9.34
CA VAL C 109 45.44 -16.22 9.69
C VAL C 109 45.49 -17.32 8.64
N LYS C 110 44.32 -17.87 8.32
CA LYS C 110 44.19 -18.91 7.31
C LYS C 110 44.37 -18.37 5.90
N GLU C 111 44.02 -17.11 5.70
CA GLU C 111 44.23 -16.45 4.42
C GLU C 111 45.73 -16.39 4.08
N GLN C 112 46.57 -16.17 5.08
CA GLN C 112 48.02 -16.17 4.86
C GLN C 112 48.51 -17.59 4.63
N GLU C 113 47.99 -18.53 5.41
CA GLU C 113 48.31 -19.95 5.24
C GLU C 113 48.04 -20.36 3.81
N LYS C 114 46.89 -19.92 3.28
CA LYS C 114 46.52 -20.19 1.90
C LYS C 114 47.45 -19.54 0.87
N THR C 115 47.75 -18.26 1.00
CA THR C 115 48.58 -17.61 -0.01
C THR C 115 50.02 -18.12 -0.01
N GLU C 116 50.50 -18.54 1.16
CA GLU C 116 51.86 -19.04 1.25
C GLU C 116 51.92 -20.41 0.56
N ALA C 117 50.92 -21.25 0.82
CA ALA C 117 50.81 -22.52 0.13
C ALA C 117 50.87 -22.26 -1.38
N GLU C 118 50.09 -21.29 -1.80
CA GLU C 118 49.99 -20.88 -3.17
C GLU C 118 51.31 -20.39 -3.76
N ARG C 119 52.13 -19.74 -2.94
CA ARG C 119 53.41 -19.21 -3.37
C ARG C 119 54.41 -20.33 -3.66
N ARG C 120 54.37 -21.39 -2.85
CA ARG C 120 55.24 -22.53 -3.04
C ARG C 120 54.54 -23.63 -3.85
N LYS C 121 53.57 -23.20 -4.66
CA LYS C 121 52.80 -24.04 -5.56
C LYS C 121 52.08 -25.26 -4.94
N ASP C 122 51.90 -25.24 -3.62
CA ASP C 122 51.15 -26.29 -2.93
C ASP C 122 49.63 -26.04 -3.09
N PHE C 123 49.14 -26.09 -4.33
CA PHE C 123 47.75 -25.71 -4.66
C PHE C 123 46.58 -26.47 -4.03
N LEU C 124 46.67 -27.80 -3.94
CA LEU C 124 45.59 -28.56 -3.34
C LEU C 124 45.46 -28.24 -1.84
N THR C 125 46.59 -27.99 -1.19
CA THR C 125 46.58 -27.50 0.18
C THR C 125 45.86 -26.15 0.20
N ALA C 126 46.31 -25.23 -0.66
CA ALA C 126 45.71 -23.90 -0.71
C ALA C 126 44.21 -23.96 -0.97
N ALA C 127 43.76 -24.87 -1.82
CA ALA C 127 42.33 -25.00 -2.12
C ALA C 127 41.59 -25.52 -0.91
N ARG C 128 42.18 -26.49 -0.23
CA ARG C 128 41.58 -27.08 0.95
C ARG C 128 41.35 -25.99 1.99
N ILE C 129 42.35 -25.11 2.14
CA ILE C 129 42.28 -24.01 3.10
C ILE C 129 41.13 -23.10 2.71
N ALA C 130 41.05 -22.76 1.43
CA ALA C 130 39.98 -21.94 0.92
C ALA C 130 38.62 -22.60 1.12
N LYS C 131 38.58 -23.92 1.01
CA LYS C 131 37.33 -24.67 1.18
C LYS C 131 36.87 -24.56 2.63
N GLU C 132 37.82 -24.61 3.56
CA GLU C 132 37.53 -24.44 4.99
C GLU C 132 37.01 -23.04 5.27
N MSE C 133 37.63 -22.05 4.64
CA MSE C 133 37.28 -20.66 4.88
C MSE C 133 35.86 -20.36 4.42
O MSE C 133 35.19 -19.53 5.04
CB MSE C 133 38.26 -19.72 4.20
CG MSE C 133 39.73 -20.01 4.50
SE MSE C 133 40.90 -18.55 3.98
CE MSE C 133 40.09 -18.06 2.25
N ILE C 134 35.41 -21.01 3.36
CA ILE C 134 34.03 -20.84 2.90
C ILE C 134 33.06 -21.33 3.99
N GLU C 135 33.38 -22.46 4.62
CA GLU C 135 32.56 -22.99 5.71
C GLU C 135 32.51 -22.01 6.87
N MSE C 136 33.67 -21.48 7.24
CA MSE C 136 33.76 -20.51 8.33
C MSE C 136 32.97 -19.26 8.00
O MSE C 136 32.27 -18.73 8.86
CB MSE C 136 35.22 -20.16 8.62
CG MSE C 136 36.01 -21.29 9.27
SE MSE C 136 37.94 -20.97 9.26
CE MSE C 136 38.00 -19.40 10.43
N LYS C 137 33.04 -18.81 6.75
CA LYS C 137 32.28 -17.66 6.29
C LYS C 137 30.77 -17.93 6.35
N LYS C 138 30.32 -19.11 5.91
CA LYS C 138 28.91 -19.47 6.00
C LYS C 138 28.45 -19.47 7.45
N MSE C 139 29.35 -19.90 8.33
CA MSE C 139 29.10 -20.01 9.78
C MSE C 139 28.80 -18.67 10.43
O MSE C 139 28.23 -18.61 11.51
CB MSE C 139 30.34 -20.62 10.45
CG MSE C 139 30.05 -21.49 11.63
SE MSE C 139 28.94 -22.99 11.07
CE MSE C 139 27.17 -22.33 11.60
N LEU C 140 29.21 -17.59 9.77
CA LEU C 140 29.08 -16.25 10.30
C LEU C 140 27.96 -15.45 9.64
N SER C 141 27.76 -15.63 8.34
CA SER C 141 26.69 -14.91 7.65
C SER C 141 25.56 -15.86 7.29
S SO4 D . -19.92 -7.89 -5.43
O1 SO4 D . -21.31 -8.25 -5.61
O2 SO4 D . -19.13 -8.50 -6.48
O3 SO4 D . -19.78 -6.43 -5.50
O4 SO4 D . -19.48 -8.35 -4.12
S SO4 E . 41.05 -13.08 -18.44
O1 SO4 E . 40.14 -12.59 -19.47
O2 SO4 E . 41.14 -14.54 -18.50
O3 SO4 E . 42.39 -12.55 -18.67
O4 SO4 E . 40.60 -12.68 -17.10
S SO4 F . -34.83 25.05 -11.29
O1 SO4 F . -35.93 25.08 -12.26
O2 SO4 F . -34.62 23.67 -10.85
O3 SO4 F . -33.63 25.58 -11.94
O4 SO4 F . -35.15 25.88 -10.12
S SO4 G . 24.01 12.23 -7.19
O1 SO4 G . 23.27 12.10 -5.93
O2 SO4 G . 23.61 11.18 -8.12
O3 SO4 G . 23.69 13.52 -7.81
O4 SO4 G . 25.45 12.14 -6.91
#